data_6QB5
#
_entry.id   6QB5
#
_cell.length_a   65.611
_cell.length_b   124.985
_cell.length_c   231.889
_cell.angle_alpha   90.00
_cell.angle_beta   90.00
_cell.angle_gamma   90.00
#
_symmetry.space_group_name_H-M   'P 21 21 21'
#
loop_
_entity.id
_entity.type
_entity.pdbx_description
1 polymer 'Cohesin subunit SA-1'
2 non-polymer 'SODIUM ION'
3 water water
#
_entity_poly.entity_id   1
_entity_poly.type   'polypeptide(L)'
_entity_poly.pdbx_seq_one_letter_code
;SMGGTLFEVVKLGKSAMQSVVDDWIESYKQDRDIALLDLINFFIQCSGCRGTVRIEMFRNMQNAEIIRKMTEEFDEDSGD
YPLTMPGPQWKKFRSNFCEFIGVLIRQCQYSIIYDEYMMDTVISLLTGLSDSQVRAFRHTSTLAAMKLMTALVNVALNLS
IHQDNTQRQYEAERNKMIGKRANERLELLLQKRKELQENQDEIENMMNSIFKGIFVHRYRDAIAEIRAICIEEIGVWMKM
YSDAFLNDSYLKYVGWTLHDRQGEVRLKCLKALQSLYTNRELFPKLELFTNRFKDRIVSMTLDKEYDVAVEAIRLVTLIL
HGSEEALSNEDCENVYHLV
;
_entity_poly.pdbx_strand_id   C,A,B,D
#
loop_
_chem_comp.id
_chem_comp.type
_chem_comp.name
_chem_comp.formula
NA non-polymer 'SODIUM ION' 'Na 1'
#
# COMPACT_ATOMS: atom_id res chain seq x y z
N GLY A 4 5.95 -9.36 -11.93
CA GLY A 4 6.39 -9.44 -13.31
C GLY A 4 7.08 -10.74 -13.65
N THR A 5 8.32 -10.65 -14.11
CA THR A 5 9.08 -11.83 -14.49
C THR A 5 9.49 -12.64 -13.26
N LEU A 6 9.97 -13.85 -13.51
CA LEU A 6 10.43 -14.70 -12.41
C LEU A 6 11.58 -14.05 -11.65
N PHE A 7 12.49 -13.39 -12.37
CA PHE A 7 13.64 -12.78 -11.72
C PHE A 7 13.22 -11.64 -10.80
N GLU A 8 12.36 -10.74 -11.29
CA GLU A 8 11.95 -9.60 -10.48
C GLU A 8 11.13 -10.03 -9.27
N VAL A 9 10.31 -11.07 -9.41
CA VAL A 9 9.54 -11.56 -8.28
C VAL A 9 10.46 -12.21 -7.24
N VAL A 10 11.42 -13.02 -7.70
CA VAL A 10 12.34 -13.66 -6.77
C VAL A 10 13.27 -12.63 -6.12
N LYS A 11 13.76 -11.68 -6.91
CA LYS A 11 14.64 -10.64 -6.36
C LYS A 11 13.94 -9.85 -5.26
N LEU A 12 12.67 -9.49 -5.48
CA LEU A 12 11.93 -8.75 -4.47
C LEU A 12 11.56 -9.65 -3.29
N GLY A 13 11.01 -10.83 -3.58
CA GLY A 13 10.68 -11.80 -2.55
C GLY A 13 9.67 -11.31 -1.54
N LYS A 14 8.53 -10.78 -2.02
CA LYS A 14 7.50 -10.30 -1.13
C LYS A 14 6.91 -11.44 -0.32
N SER A 15 6.74 -11.22 0.98
CA SER A 15 6.11 -12.20 1.84
C SER A 15 4.63 -12.34 1.50
N ALA A 16 3.99 -13.33 2.13
CA ALA A 16 2.56 -13.53 1.89
C ALA A 16 1.74 -12.34 2.40
N MET A 17 2.11 -11.80 3.55
CA MET A 17 1.34 -10.71 4.14
C MET A 17 1.67 -9.37 3.50
N GLN A 18 2.88 -9.18 2.97
CA GLN A 18 3.18 -7.93 2.29
C GLN A 18 2.51 -7.87 0.93
N SER A 19 2.32 -9.01 0.27
CA SER A 19 1.65 -9.02 -1.03
C SER A 19 0.20 -8.59 -0.91
N VAL A 20 -0.49 -9.03 0.15
CA VAL A 20 -1.88 -8.67 0.32
C VAL A 20 -2.03 -7.25 0.87
N VAL A 21 -1.06 -6.79 1.67
CA VAL A 21 -1.13 -5.42 2.19
C VAL A 21 -0.95 -4.42 1.07
N ASP A 22 0.03 -4.64 0.19
CA ASP A 22 0.25 -3.73 -0.93
C ASP A 22 -0.96 -3.70 -1.86
N ASP A 23 -1.66 -4.84 -2.00
CA ASP A 23 -2.89 -4.84 -2.79
C ASP A 23 -3.98 -4.03 -2.10
N TRP A 24 -4.09 -4.12 -0.77
CA TRP A 24 -5.10 -3.36 -0.06
C TRP A 24 -4.81 -1.86 -0.10
N ILE A 25 -3.53 -1.49 -0.01
CA ILE A 25 -3.15 -0.08 -0.04
C ILE A 25 -3.54 0.55 -1.38
N GLU A 26 -3.26 -0.15 -2.48
CA GLU A 26 -3.66 0.34 -3.79
C GLU A 26 -5.18 0.43 -3.90
N SER A 27 -5.90 -0.52 -3.30
CA SER A 27 -7.35 -0.42 -3.23
C SER A 27 -7.79 0.77 -2.39
N TYR A 28 -7.00 1.14 -1.38
CA TYR A 28 -7.36 2.28 -0.54
C TYR A 28 -7.18 3.59 -1.29
N LYS A 29 -6.17 3.68 -2.14
CA LYS A 29 -5.97 4.89 -2.93
C LYS A 29 -7.08 5.09 -3.96
N GLN A 30 -7.70 4.00 -4.41
CA GLN A 30 -8.79 4.11 -5.38
C GLN A 30 -10.11 4.47 -4.71
N ASP A 31 -10.42 3.85 -3.58
CA ASP A 31 -11.66 4.11 -2.86
C ASP A 31 -11.44 3.77 -1.40
N ARG A 32 -11.38 4.79 -0.55
CA ARG A 32 -11.09 4.57 0.87
C ARG A 32 -12.21 3.81 1.56
N ASP A 33 -13.47 4.10 1.20
CA ASP A 33 -14.60 3.47 1.87
C ASP A 33 -14.66 1.98 1.58
N ILE A 34 -14.46 1.58 0.32
CA ILE A 34 -14.52 0.17 -0.03
C ILE A 34 -13.37 -0.59 0.61
N ALA A 35 -12.17 -0.01 0.63
CA ALA A 35 -11.03 -0.68 1.24
C ALA A 35 -11.21 -0.80 2.74
N LEU A 36 -11.69 0.25 3.39
CA LEU A 36 -11.96 0.17 4.83
C LEU A 36 -13.07 -0.82 5.13
N LEU A 37 -14.06 -0.93 4.25
CA LEU A 37 -15.10 -1.94 4.43
C LEU A 37 -14.51 -3.34 4.38
N ASP A 38 -13.59 -3.58 3.44
CA ASP A 38 -12.94 -4.89 3.38
C ASP A 38 -12.10 -5.14 4.62
N LEU A 39 -11.48 -4.10 5.17
CA LEU A 39 -10.68 -4.27 6.38
C LEU A 39 -11.57 -4.51 7.59
N ILE A 40 -12.74 -3.85 7.64
CA ILE A 40 -13.68 -4.10 8.72
C ILE A 40 -14.21 -5.52 8.66
N ASN A 41 -14.62 -5.97 7.47
CA ASN A 41 -15.08 -7.34 7.33
C ASN A 41 -13.97 -8.36 7.59
N PHE A 42 -12.70 -7.94 7.45
CA PHE A 42 -11.60 -8.83 7.79
C PHE A 42 -11.60 -9.19 9.27
N PHE A 43 -11.68 -8.17 10.13
CA PHE A 43 -11.70 -8.43 11.56
C PHE A 43 -12.98 -9.12 11.99
N ILE A 44 -14.08 -8.91 11.25
CA ILE A 44 -15.33 -9.60 11.55
C ILE A 44 -15.21 -11.09 11.21
N GLN A 45 -14.67 -11.38 10.02
CA GLN A 45 -14.56 -12.77 9.59
C GLN A 45 -13.46 -13.52 10.36
N CYS A 46 -12.43 -12.81 10.82
CA CYS A 46 -11.40 -13.44 11.63
C CYS A 46 -11.93 -13.89 12.98
N SER A 47 -13.00 -13.28 13.48
CA SER A 47 -13.62 -13.68 14.74
C SER A 47 -14.56 -14.86 14.59
N GLY A 48 -14.67 -15.44 13.40
CA GLY A 48 -15.61 -16.52 13.15
C GLY A 48 -17.02 -16.07 12.86
N CYS A 49 -17.28 -14.77 12.77
CA CYS A 49 -18.61 -14.26 12.48
C CYS A 49 -18.91 -14.44 11.00
N ARG A 50 -20.13 -14.90 10.71
CA ARG A 50 -20.56 -15.15 9.35
C ARG A 50 -21.27 -13.96 8.72
N GLY A 51 -21.43 -12.86 9.46
CA GLY A 51 -22.05 -11.67 8.90
C GLY A 51 -21.12 -10.93 7.95
N THR A 52 -21.71 -9.97 7.23
CA THR A 52 -20.98 -9.16 6.26
C THR A 52 -21.50 -7.72 6.34
N VAL A 53 -20.61 -6.78 6.65
CA VAL A 53 -20.97 -5.37 6.67
C VAL A 53 -21.03 -4.87 5.24
N ARG A 54 -22.10 -4.17 4.89
CA ARG A 54 -22.27 -3.59 3.57
C ARG A 54 -21.87 -2.12 3.58
N ILE A 55 -21.59 -1.59 2.39
CA ILE A 55 -21.05 -0.24 2.29
C ILE A 55 -22.07 0.80 2.75
N GLU A 56 -23.36 0.54 2.55
CA GLU A 56 -24.37 1.49 3.02
C GLU A 56 -24.54 1.41 4.54
N MET A 57 -24.23 0.27 5.14
CA MET A 57 -24.17 0.20 6.59
C MET A 57 -22.99 1.00 7.11
N PHE A 58 -21.83 0.89 6.47
CA PHE A 58 -20.64 1.63 6.89
C PHE A 58 -20.82 3.13 6.75
N ARG A 59 -21.57 3.59 5.74
CA ARG A 59 -21.76 5.02 5.54
C ARG A 59 -22.89 5.62 6.37
N ASN A 60 -23.78 4.80 6.92
CA ASN A 60 -24.94 5.29 7.65
C ASN A 60 -24.92 4.97 9.14
N MET A 61 -24.43 3.79 9.52
CA MET A 61 -24.52 3.32 10.89
C MET A 61 -23.25 3.63 11.67
N GLN A 62 -23.40 3.77 12.99
CA GLN A 62 -22.28 3.85 13.90
C GLN A 62 -21.74 2.45 14.19
N ASN A 63 -20.54 2.40 14.80
CA ASN A 63 -19.93 1.12 15.11
C ASN A 63 -20.78 0.31 16.07
N ALA A 64 -21.46 0.97 17.00
CA ALA A 64 -22.27 0.24 17.98
C ALA A 64 -23.39 -0.54 17.30
N GLU A 65 -24.04 0.07 16.30
CA GLU A 65 -25.12 -0.62 15.61
C GLU A 65 -24.57 -1.69 14.67
N ILE A 66 -23.44 -1.40 14.02
CA ILE A 66 -22.83 -2.38 13.12
C ILE A 66 -22.42 -3.63 13.89
N ILE A 67 -21.75 -3.45 15.04
CA ILE A 67 -21.31 -4.58 15.84
C ILE A 67 -22.51 -5.36 16.37
N ARG A 68 -23.55 -4.65 16.82
CA ARG A 68 -24.75 -5.31 17.31
C ARG A 68 -25.41 -6.13 16.22
N LYS A 69 -25.41 -5.62 14.98
CA LYS A 69 -25.96 -6.39 13.86
C LYS A 69 -25.08 -7.60 13.54
N MET A 70 -23.75 -7.43 13.64
CA MET A 70 -22.85 -8.56 13.41
C MET A 70 -22.93 -9.58 14.54
N THR A 71 -23.23 -9.12 15.76
CA THR A 71 -23.40 -10.04 16.89
C THR A 71 -24.52 -11.03 16.64
N GLU A 72 -25.57 -10.62 15.91
CA GLU A 72 -26.70 -11.48 15.64
C GLU A 72 -26.41 -12.56 14.58
N GLU A 73 -25.17 -12.68 14.12
CA GLU A 73 -24.81 -13.58 13.04
C GLU A 73 -23.76 -14.60 13.49
N PHE A 74 -23.80 -14.99 14.77
CA PHE A 74 -22.90 -16.01 15.29
C PHE A 74 -23.65 -17.34 15.44
N ASP A 75 -22.89 -18.43 15.35
CA ASP A 75 -23.44 -19.75 15.61
C ASP A 75 -23.62 -19.90 17.11
N GLU A 76 -24.88 -19.93 17.56
CA GLU A 76 -25.16 -19.91 19.00
C GLU A 76 -24.68 -21.17 19.69
N ASP A 77 -24.49 -22.27 18.97
CA ASP A 77 -24.06 -23.51 19.59
C ASP A 77 -22.54 -23.52 19.80
N SER A 78 -21.78 -23.20 18.77
CA SER A 78 -20.32 -23.32 18.82
C SER A 78 -19.69 -22.07 19.38
N GLY A 79 -18.75 -22.25 20.31
CA GLY A 79 -17.91 -21.19 20.81
C GLY A 79 -16.52 -21.15 20.21
N ASP A 80 -16.25 -21.98 19.21
CA ASP A 80 -14.93 -22.01 18.59
C ASP A 80 -14.82 -20.93 17.53
N TYR A 81 -13.64 -20.31 17.46
CA TYR A 81 -13.34 -19.28 16.48
C TYR A 81 -11.90 -19.47 16.04
N PRO A 82 -11.51 -18.89 14.88
CA PRO A 82 -10.18 -19.20 14.32
C PRO A 82 -9.01 -19.06 15.27
N LEU A 83 -9.08 -18.16 16.25
CA LEU A 83 -7.97 -17.98 17.18
C LEU A 83 -7.88 -19.08 18.22
N THR A 84 -8.86 -19.98 18.30
CA THR A 84 -8.85 -21.06 19.28
C THR A 84 -9.07 -22.43 18.66
N MET A 85 -9.01 -22.55 17.31
CA MET A 85 -9.20 -23.88 16.77
C MET A 85 -7.88 -24.63 16.64
N PRO A 86 -7.92 -25.96 16.80
CA PRO A 86 -6.67 -26.73 16.90
C PRO A 86 -5.88 -26.81 15.61
N GLY A 87 -6.56 -27.00 14.47
CA GLY A 87 -5.89 -27.13 13.20
C GLY A 87 -6.61 -28.08 12.26
N PRO A 88 -5.98 -28.44 11.14
CA PRO A 88 -4.66 -28.00 10.70
C PRO A 88 -4.69 -26.77 9.78
N GLN A 89 -5.89 -26.32 9.41
CA GLN A 89 -6.00 -25.10 8.62
C GLN A 89 -5.78 -23.84 9.45
N TRP A 90 -5.61 -23.98 10.77
CA TRP A 90 -5.48 -22.83 11.66
C TRP A 90 -4.17 -22.83 12.43
N LYS A 91 -3.18 -23.61 11.97
CA LYS A 91 -1.89 -23.62 12.65
C LYS A 91 -1.21 -22.27 12.56
N LYS A 92 -1.08 -21.75 11.34
CA LYS A 92 -0.36 -20.52 11.07
C LYS A 92 -1.28 -19.30 10.93
N PHE A 93 -2.58 -19.46 11.17
CA PHE A 93 -3.48 -18.33 11.02
C PHE A 93 -3.17 -17.24 12.03
N ARG A 94 -2.94 -17.62 13.29
CA ARG A 94 -2.60 -16.63 14.31
C ARG A 94 -1.31 -15.91 13.97
N SER A 95 -0.33 -16.62 13.42
CA SER A 95 0.91 -15.98 13.00
C SER A 95 0.69 -15.04 11.83
N ASN A 96 -0.14 -15.45 10.87
CA ASN A 96 -0.44 -14.59 9.73
C ASN A 96 -1.32 -13.41 10.15
N PHE A 97 -2.24 -13.63 11.08
CA PHE A 97 -3.08 -12.56 11.57
C PHE A 97 -2.24 -11.46 12.23
N CYS A 98 -1.31 -11.85 13.09
CA CYS A 98 -0.45 -10.88 13.76
C CYS A 98 0.52 -10.23 12.78
N GLU A 99 1.06 -11.01 11.84
CA GLU A 99 1.98 -10.46 10.86
C GLU A 99 1.29 -9.47 9.93
N PHE A 100 0.05 -9.77 9.53
CA PHE A 100 -0.69 -8.87 8.65
C PHE A 100 -0.83 -7.48 9.27
N ILE A 101 -1.11 -7.41 10.57
CA ILE A 101 -1.30 -6.13 11.24
C ILE A 101 0.00 -5.33 11.24
N GLY A 102 1.12 -5.98 11.56
CA GLY A 102 2.39 -5.27 11.56
C GLY A 102 2.82 -4.84 10.18
N VAL A 103 2.55 -5.67 9.17
CA VAL A 103 2.93 -5.31 7.81
C VAL A 103 2.02 -4.21 7.28
N LEU A 104 0.72 -4.26 7.63
CA LEU A 104 -0.21 -3.23 7.19
C LEU A 104 0.22 -1.85 7.67
N ILE A 105 0.55 -1.72 8.96
CA ILE A 105 0.91 -0.43 9.51
C ILE A 105 2.27 0.02 9.01
N ARG A 106 3.20 -0.93 8.85
CA ARG A 106 4.53 -0.58 8.36
C ARG A 106 4.47 0.00 6.95
N GLN A 107 3.62 -0.58 6.09
CA GLN A 107 3.51 -0.09 4.72
C GLN A 107 2.70 1.20 4.62
N CYS A 108 1.89 1.52 5.63
CA CYS A 108 1.10 2.74 5.65
C CYS A 108 1.73 3.85 6.48
N GLN A 109 2.91 3.60 7.07
CA GLN A 109 3.44 4.48 8.12
C GLN A 109 3.89 5.84 7.62
N TYR A 110 3.99 6.05 6.31
CA TYR A 110 4.53 7.30 5.77
C TYR A 110 3.47 8.21 5.15
N SER A 111 2.21 7.78 5.11
CA SER A 111 1.17 8.62 4.52
C SER A 111 -0.22 8.24 5.02
N ILE A 112 -0.67 7.03 4.67
CA ILE A 112 -2.03 6.61 4.95
C ILE A 112 -2.33 6.66 6.44
N ILE A 113 -1.34 6.33 7.28
CA ILE A 113 -1.56 6.30 8.72
C ILE A 113 -1.89 7.68 9.28
N TYR A 114 -1.58 8.75 8.55
CA TYR A 114 -1.80 10.11 9.03
C TYR A 114 -2.98 10.81 8.35
N ASP A 115 -3.85 10.08 7.66
CA ASP A 115 -4.91 10.71 6.90
C ASP A 115 -6.19 10.92 7.71
N GLU A 116 -6.17 10.63 9.01
CA GLU A 116 -7.29 10.93 9.91
C GLU A 116 -8.55 10.16 9.53
N TYR A 117 -8.42 9.03 8.85
CA TYR A 117 -9.59 8.26 8.44
C TYR A 117 -9.34 6.76 8.62
N MET A 118 -8.20 6.27 8.15
CA MET A 118 -7.92 4.84 8.22
C MET A 118 -7.74 4.38 9.66
N MET A 119 -6.86 5.05 10.41
CA MET A 119 -6.56 4.61 11.77
C MET A 119 -7.74 4.85 12.71
N ASP A 120 -8.46 5.95 12.53
CA ASP A 120 -9.63 6.22 13.37
C ASP A 120 -10.70 5.15 13.17
N THR A 121 -10.86 4.68 11.93
CA THR A 121 -11.83 3.62 11.65
C THR A 121 -11.40 2.30 12.29
N VAL A 122 -10.11 1.96 12.19
CA VAL A 122 -9.63 0.70 12.74
C VAL A 122 -9.73 0.70 14.26
N ILE A 123 -9.23 1.75 14.90
CA ILE A 123 -9.21 1.79 16.36
C ILE A 123 -10.62 1.82 16.93
N SER A 124 -11.52 2.60 16.31
CA SER A 124 -12.90 2.65 16.77
C SER A 124 -13.57 1.29 16.64
N LEU A 125 -13.29 0.58 15.55
CA LEU A 125 -13.88 -0.75 15.37
C LEU A 125 -13.34 -1.73 16.42
N LEU A 126 -12.02 -1.77 16.59
CA LEU A 126 -11.43 -2.69 17.55
C LEU A 126 -11.83 -2.37 18.98
N THR A 127 -11.99 -1.07 19.29
CA THR A 127 -12.44 -0.70 20.63
C THR A 127 -13.85 -1.20 20.90
N GLY A 128 -14.75 -1.05 19.92
CA GLY A 128 -16.11 -1.53 20.10
C GLY A 128 -16.20 -3.04 20.18
N LEU A 129 -15.41 -3.73 19.36
CA LEU A 129 -15.39 -5.19 19.41
C LEU A 129 -14.78 -5.71 20.71
N SER A 130 -13.86 -4.94 21.31
CA SER A 130 -13.21 -5.38 22.53
C SER A 130 -14.13 -5.34 23.74
N ASP A 131 -15.22 -4.57 23.67
CA ASP A 131 -16.21 -4.51 24.74
C ASP A 131 -17.42 -5.40 24.48
N SER A 132 -17.33 -6.29 23.49
CA SER A 132 -18.47 -7.12 23.15
C SER A 132 -18.66 -8.23 24.17
N GLN A 133 -19.91 -8.71 24.28
CA GLN A 133 -20.17 -9.87 25.12
C GLN A 133 -19.72 -11.17 24.46
N VAL A 134 -19.46 -11.14 23.16
CA VAL A 134 -18.99 -12.33 22.44
C VAL A 134 -17.50 -12.50 22.68
N ARG A 135 -17.11 -13.65 23.21
CA ARG A 135 -15.70 -13.91 23.49
C ARG A 135 -14.86 -13.84 22.21
N ALA A 136 -15.40 -14.35 21.11
CA ALA A 136 -14.66 -14.32 19.84
C ALA A 136 -14.33 -12.90 19.42
N PHE A 137 -15.26 -11.97 19.62
CA PHE A 137 -15.01 -10.57 19.28
C PHE A 137 -13.93 -9.97 20.17
N ARG A 138 -14.01 -10.22 21.49
CA ARG A 138 -13.03 -9.65 22.40
C ARG A 138 -11.64 -10.21 22.13
N HIS A 139 -11.54 -11.53 21.95
CA HIS A 139 -10.25 -12.17 21.74
C HIS A 139 -9.59 -11.68 20.45
N THR A 140 -10.35 -11.66 19.36
CA THR A 140 -9.77 -11.27 18.07
C THR A 140 -9.39 -9.79 18.07
N SER A 141 -10.27 -8.92 18.57
CA SER A 141 -10.00 -7.48 18.51
C SER A 141 -8.89 -7.07 19.47
N THR A 142 -8.80 -7.72 20.63
CA THR A 142 -7.76 -7.38 21.59
C THR A 142 -6.39 -7.79 21.06
N LEU A 143 -6.28 -9.01 20.53
CA LEU A 143 -5.02 -9.42 19.91
C LEU A 143 -4.63 -8.49 18.78
N ALA A 144 -5.61 -8.08 17.97
CA ALA A 144 -5.33 -7.13 16.90
C ALA A 144 -4.87 -5.79 17.45
N ALA A 145 -5.53 -5.31 18.50
CA ALA A 145 -5.19 -4.01 19.08
C ALA A 145 -3.81 -4.05 19.75
N MET A 146 -3.47 -5.17 20.38
CA MET A 146 -2.15 -5.28 20.99
C MET A 146 -1.05 -5.26 19.94
N LYS A 147 -1.22 -6.03 18.86
CA LYS A 147 -0.24 -6.00 17.77
C LYS A 147 -0.26 -4.66 17.05
N LEU A 148 -1.41 -3.99 17.01
CA LEU A 148 -1.47 -2.66 16.42
C LEU A 148 -0.63 -1.68 17.22
N MET A 149 -0.70 -1.76 18.55
CA MET A 149 0.10 -0.86 19.39
C MET A 149 1.59 -1.09 19.16
N THR A 150 2.01 -2.36 19.12
CA THR A 150 3.42 -2.66 18.87
C THR A 150 3.86 -2.16 17.51
N ALA A 151 2.99 -2.28 16.50
CA ALA A 151 3.29 -1.70 15.20
C ALA A 151 3.44 -0.18 15.29
N LEU A 152 2.58 0.47 16.08
CA LEU A 152 2.67 1.92 16.25
C LEU A 152 3.94 2.33 16.99
N VAL A 153 4.41 1.50 17.94
CA VAL A 153 5.67 1.79 18.61
C VAL A 153 6.82 1.75 17.62
N ASN A 154 6.81 0.75 16.72
CA ASN A 154 7.85 0.68 15.70
C ASN A 154 7.80 1.88 14.75
N VAL A 155 6.59 2.41 14.49
CA VAL A 155 6.48 3.63 13.70
C VAL A 155 7.13 4.79 14.44
N ALA A 156 6.89 4.89 15.75
CA ALA A 156 7.53 5.93 16.55
C ALA A 156 9.03 5.73 16.63
N LEU A 157 9.49 4.47 16.62
CA LEU A 157 10.92 4.20 16.64
C LEU A 157 11.57 4.63 15.33
N ASN A 158 10.93 4.35 14.20
CA ASN A 158 11.45 4.81 12.92
C ASN A 158 11.42 6.33 12.82
N LEU A 159 10.38 6.96 13.37
CA LEU A 159 10.30 8.42 13.35
C LEU A 159 11.47 9.04 14.09
N SER A 160 11.86 8.45 15.22
CA SER A 160 13.02 8.97 15.96
C SER A 160 14.29 8.91 15.13
N ILE A 161 14.46 7.82 14.37
CA ILE A 161 15.62 7.71 13.49
C ILE A 161 15.60 8.79 12.43
N HIS A 162 14.43 9.02 11.81
CA HIS A 162 14.30 10.10 10.84
C HIS A 162 14.46 11.47 11.50
N GLN A 163 14.06 11.60 12.76
CA GLN A 163 14.26 12.86 13.46
C GLN A 163 15.73 13.13 13.73
N ASP A 164 16.49 12.09 14.06
CA ASP A 164 17.93 12.28 14.28
C ASP A 164 18.65 12.59 12.97
N ASN A 165 18.23 11.96 11.88
CA ASN A 165 18.84 12.25 10.58
C ASN A 165 18.54 13.69 10.15
N THR A 166 17.29 14.11 10.29
CA THR A 166 16.92 15.47 9.92
C THR A 166 17.61 16.50 10.81
N GLN A 167 17.79 16.18 12.09
CA GLN A 167 18.47 17.10 13.00
C GLN A 167 19.93 17.28 12.62
N ARG A 168 20.62 16.18 12.29
CA ARG A 168 22.02 16.29 11.88
C ARG A 168 22.16 16.97 10.52
N GLN A 169 21.22 16.71 9.61
CA GLN A 169 21.23 17.41 8.33
C GLN A 169 20.95 18.90 8.50
N TYR A 170 20.12 19.25 9.49
CA TYR A 170 19.83 20.66 9.74
C TYR A 170 21.05 21.38 10.31
N GLU A 171 21.70 20.78 11.32
CA GLU A 171 22.86 21.42 11.93
C GLU A 171 24.05 21.46 10.98
N ALA A 172 24.18 20.45 10.11
CA ALA A 172 25.24 20.50 9.11
C ALA A 172 25.00 21.61 8.10
N GLU A 173 23.74 21.82 7.70
CA GLU A 173 23.42 22.91 6.81
C GLU A 173 23.39 24.25 7.52
N ARG A 174 23.15 24.24 8.84
CA ARG A 174 23.14 25.48 9.61
C ARG A 174 24.55 26.05 9.74
N ASN A 175 25.55 25.18 9.86
CA ASN A 175 26.93 25.63 10.02
C ASN A 175 27.57 25.98 8.68
N LYS A 176 26.76 26.44 7.73
CA LYS A 176 27.24 26.83 6.41
C LYS A 176 26.59 28.14 5.97
N ALA A 182 19.22 32.50 5.31
CA ALA A 182 18.59 31.19 5.27
C ALA A 182 18.09 30.87 3.89
N ASN A 183 18.52 29.74 3.34
CA ASN A 183 18.15 29.33 2.00
C ASN A 183 16.98 28.35 2.05
N GLU A 184 16.63 27.79 0.88
CA GLU A 184 15.50 26.89 0.80
C GLU A 184 15.78 25.56 1.49
N ARG A 185 17.04 25.09 1.47
CA ARG A 185 17.36 23.83 2.12
C ARG A 185 17.22 23.92 3.64
N LEU A 186 17.53 25.06 4.23
CA LEU A 186 17.40 25.21 5.68
C LEU A 186 15.94 25.22 6.10
N GLU A 187 15.11 26.00 5.42
CA GLU A 187 13.69 26.07 5.78
C GLU A 187 12.97 24.78 5.46
N LEU A 188 13.48 24.00 4.50
CA LEU A 188 12.90 22.69 4.22
C LEU A 188 13.23 21.70 5.34
N LEU A 189 14.46 21.74 5.86
CA LEU A 189 14.82 20.87 6.97
C LEU A 189 14.12 21.30 8.26
N LEU A 190 13.91 22.61 8.43
CA LEU A 190 13.16 23.08 9.59
C LEU A 190 11.71 22.62 9.53
N GLN A 191 11.12 22.58 8.32
CA GLN A 191 9.73 22.17 8.19
C GLN A 191 9.59 20.66 8.35
N LYS A 192 10.58 19.89 7.88
CA LYS A 192 10.51 18.44 8.07
C LYS A 192 10.69 18.08 9.54
N ARG A 193 11.54 18.83 10.26
CA ARG A 193 11.70 18.60 11.69
C ARG A 193 10.40 18.85 12.43
N LYS A 194 9.70 19.94 12.06
CA LYS A 194 8.41 20.22 12.67
C LYS A 194 7.37 19.17 12.28
N GLU A 195 7.42 18.69 11.04
CA GLU A 195 6.45 17.71 10.57
C GLU A 195 6.67 16.35 11.24
N LEU A 196 7.92 15.95 11.42
CA LEU A 196 8.20 14.67 12.05
C LEU A 196 7.74 14.65 13.50
N GLN A 197 7.88 15.78 14.21
CA GLN A 197 7.40 15.86 15.58
C GLN A 197 5.89 15.78 15.63
N GLU A 198 5.21 16.40 14.66
CA GLU A 198 3.76 16.29 14.59
C GLU A 198 3.33 14.85 14.29
N ASN A 199 4.12 14.12 13.51
CA ASN A 199 3.83 12.70 13.30
C ASN A 199 3.95 11.92 14.59
N GLN A 200 4.99 12.19 15.38
CA GLN A 200 5.17 11.52 16.67
C GLN A 200 3.98 11.82 17.59
N ASP A 201 3.52 13.07 17.61
CA ASP A 201 2.39 13.42 18.47
C ASP A 201 1.12 12.70 18.05
N GLU A 202 0.88 12.56 16.75
CA GLU A 202 -0.32 11.89 16.28
C GLU A 202 -0.26 10.39 16.55
N ILE A 203 0.94 9.80 16.42
CA ILE A 203 1.09 8.38 16.74
C ILE A 203 0.85 8.13 18.23
N GLU A 204 1.29 9.06 19.08
CA GLU A 204 1.09 8.90 20.51
C GLU A 204 -0.39 8.99 20.89
N ASN A 205 -1.14 9.85 20.20
CA ASN A 205 -2.58 9.93 20.45
C ASN A 205 -3.27 8.62 20.08
N MET A 206 -2.82 7.98 19.00
CA MET A 206 -3.37 6.68 18.64
C MET A 206 -3.04 5.63 19.70
N MET A 207 -1.80 5.66 20.22
CA MET A 207 -1.41 4.70 21.24
C MET A 207 -2.21 4.92 22.53
N ASN A 208 -2.47 6.18 22.87
CA ASN A 208 -3.27 6.47 24.05
C ASN A 208 -4.71 5.98 23.89
N SER A 209 -5.26 6.07 22.68
CA SER A 209 -6.63 5.61 22.46
C SER A 209 -6.74 4.10 22.59
N ILE A 210 -5.73 3.37 22.12
CA ILE A 210 -5.73 1.91 22.26
C ILE A 210 -5.52 1.53 23.72
N PHE A 211 -4.62 2.23 24.42
CA PHE A 211 -4.30 1.89 25.80
C PHE A 211 -5.49 2.15 26.72
N LYS A 212 -6.06 3.36 26.65
CA LYS A 212 -7.15 3.74 27.54
C LYS A 212 -8.48 3.13 27.13
N GLY A 213 -8.63 2.70 25.89
CA GLY A 213 -9.90 2.19 25.42
C GLY A 213 -9.99 0.68 25.36
N ILE A 214 -8.84 0.00 25.36
CA ILE A 214 -8.82 -1.44 25.17
C ILE A 214 -8.00 -2.13 26.24
N PHE A 215 -6.74 -1.70 26.40
CA PHE A 215 -5.83 -2.43 27.29
C PHE A 215 -6.29 -2.39 28.74
N VAL A 216 -6.60 -1.19 29.24
CA VAL A 216 -6.94 -1.04 30.66
C VAL A 216 -8.23 -1.79 31.00
N HIS A 217 -9.00 -2.20 30.00
CA HIS A 217 -10.20 -2.98 30.22
C HIS A 217 -10.02 -4.46 29.93
N ARG A 218 -9.11 -4.82 29.03
CA ARG A 218 -8.92 -6.20 28.64
C ARG A 218 -7.86 -6.93 29.43
N TYR A 219 -6.96 -6.21 30.11
CA TYR A 219 -5.92 -6.87 30.89
C TYR A 219 -6.50 -7.65 32.07
N ARG A 220 -7.73 -7.35 32.48
CA ARG A 220 -8.43 -8.09 33.52
C ARG A 220 -9.66 -8.80 32.96
N ASP A 221 -9.59 -9.23 31.70
CA ASP A 221 -10.70 -9.92 31.06
C ASP A 221 -10.97 -11.25 31.75
N ALA A 222 -12.22 -11.71 31.63
CA ALA A 222 -12.61 -12.99 32.22
C ALA A 222 -11.91 -14.17 31.57
N ILE A 223 -11.45 -14.02 30.33
CA ILE A 223 -10.74 -15.09 29.64
C ILE A 223 -9.25 -14.97 29.95
N ALA A 224 -8.64 -16.09 30.33
CA ALA A 224 -7.23 -16.05 30.74
C ALA A 224 -6.32 -15.74 29.56
N GLU A 225 -6.63 -16.26 28.38
CA GLU A 225 -5.77 -16.01 27.22
C GLU A 225 -5.78 -14.54 26.82
N ILE A 226 -6.90 -13.85 27.01
CA ILE A 226 -6.96 -12.42 26.71
C ILE A 226 -6.08 -11.64 27.69
N ARG A 227 -6.07 -12.06 28.96
CA ARG A 227 -5.16 -11.43 29.93
C ARG A 227 -3.71 -11.69 29.58
N ALA A 228 -3.40 -12.91 29.12
CA ALA A 228 -2.03 -13.23 28.76
C ALA A 228 -1.56 -12.42 27.57
N ILE A 229 -2.46 -12.18 26.61
CA ILE A 229 -2.11 -11.38 25.43
C ILE A 229 -1.80 -9.94 25.83
N CYS A 230 -2.60 -9.37 26.74
CA CYS A 230 -2.37 -7.98 27.14
C CYS A 230 -1.08 -7.82 27.94
N ILE A 231 -0.81 -8.76 28.85
CA ILE A 231 0.38 -8.66 29.69
C ILE A 231 1.64 -8.86 28.86
N GLU A 232 1.63 -9.84 27.95
CA GLU A 232 2.80 -10.09 27.12
C GLU A 232 3.14 -8.87 26.27
N GLU A 233 2.12 -8.15 25.79
CA GLU A 233 2.36 -7.07 24.85
C GLU A 233 2.80 -5.79 25.55
N ILE A 234 2.26 -5.50 26.75
CA ILE A 234 2.71 -4.31 27.45
C ILE A 234 4.17 -4.45 27.88
N GLY A 235 4.62 -5.68 28.16
CA GLY A 235 6.03 -5.89 28.39
C GLY A 235 6.87 -5.60 27.17
N VAL A 236 6.32 -5.86 25.98
CA VAL A 236 7.02 -5.51 24.75
C VAL A 236 7.12 -3.99 24.59
N TRP A 237 6.04 -3.27 24.92
CA TRP A 237 6.07 -1.81 24.81
C TRP A 237 7.03 -1.21 25.82
N MET A 238 7.11 -1.79 27.03
CA MET A 238 7.99 -1.26 28.05
C MET A 238 9.46 -1.42 27.66
N LYS A 239 9.81 -2.51 26.97
CA LYS A 239 11.19 -2.68 26.52
C LYS A 239 11.50 -1.80 25.31
N MET A 240 10.57 -1.76 24.34
CA MET A 240 10.83 -1.00 23.11
C MET A 240 10.78 0.50 23.37
N TYR A 241 9.81 0.95 24.17
CA TYR A 241 9.52 2.38 24.35
C TYR A 241 9.36 2.65 25.86
N SER A 242 10.49 2.59 26.58
CA SER A 242 10.45 2.71 28.03
C SER A 242 10.11 4.13 28.48
N ASP A 243 10.47 5.13 27.68
CA ASP A 243 10.23 6.52 28.08
C ASP A 243 8.76 6.82 28.24
N ALA A 244 7.90 6.15 27.47
CA ALA A 244 6.46 6.40 27.51
C ALA A 244 5.67 5.30 28.22
N PHE A 245 6.15 4.06 28.19
CA PHE A 245 5.39 2.94 28.73
C PHE A 245 5.91 2.42 30.06
N LEU A 246 7.19 2.61 30.37
CA LEU A 246 7.76 2.13 31.63
C LEU A 246 7.62 3.21 32.68
N ASN A 247 6.53 3.13 33.45
CA ASN A 247 6.29 4.06 34.54
C ASN A 247 5.49 3.34 35.62
N ASP A 248 5.42 3.97 36.81
CA ASP A 248 4.76 3.34 37.94
C ASP A 248 3.26 3.16 37.69
N SER A 249 2.65 4.03 36.90
CA SER A 249 1.22 3.89 36.62
C SER A 249 0.96 2.66 35.75
N TYR A 250 1.82 2.41 34.77
CA TYR A 250 1.63 1.26 33.89
C TYR A 250 2.18 -0.03 34.51
N LEU A 251 3.24 0.06 35.31
CA LEU A 251 3.76 -1.12 35.99
C LEU A 251 2.78 -1.70 37.00
N LYS A 252 1.83 -0.88 37.46
CA LYS A 252 0.80 -1.38 38.38
C LYS A 252 -0.03 -2.47 37.72
N TYR A 253 -0.27 -2.37 36.41
CA TYR A 253 -1.03 -3.41 35.71
C TYR A 253 -0.27 -4.72 35.70
N VAL A 254 1.04 -4.67 35.47
CA VAL A 254 1.85 -5.88 35.50
C VAL A 254 1.98 -6.40 36.93
N GLY A 255 2.10 -5.48 37.90
CA GLY A 255 2.22 -5.91 39.28
C GLY A 255 0.95 -6.55 39.81
N TRP A 256 -0.21 -5.97 39.49
N TRP A 256 -0.21 -5.98 39.47
CA TRP A 256 -1.47 -6.55 39.93
CA TRP A 256 -1.47 -6.55 39.93
C TRP A 256 -1.70 -7.92 39.31
C TRP A 256 -1.76 -7.89 39.28
N THR A 257 -1.23 -8.13 38.08
CA THR A 257 -1.44 -9.39 37.38
C THR A 257 -0.53 -10.50 37.88
N LEU A 258 0.47 -10.19 38.70
CA LEU A 258 1.28 -11.24 39.31
C LEU A 258 0.45 -12.16 40.20
N HIS A 259 -0.68 -11.69 40.71
CA HIS A 259 -1.57 -12.47 41.56
C HIS A 259 -2.65 -13.19 40.77
N ASP A 260 -2.45 -13.38 39.46
CA ASP A 260 -3.48 -14.01 38.64
C ASP A 260 -3.63 -15.49 39.00
N ARG A 261 -4.87 -15.98 38.90
CA ARG A 261 -5.14 -17.36 39.27
C ARG A 261 -4.55 -18.35 38.28
N GLN A 262 -4.42 -17.97 37.01
CA GLN A 262 -3.97 -18.88 35.98
C GLN A 262 -2.46 -18.83 35.83
N GLY A 263 -1.85 -20.01 35.70
CA GLY A 263 -0.40 -20.08 35.58
C GLY A 263 0.11 -19.50 34.27
N GLU A 264 -0.69 -19.60 33.20
CA GLU A 264 -0.27 -19.04 31.92
C GLU A 264 -0.16 -17.53 31.98
N VAL A 265 -0.95 -16.87 32.82
CA VAL A 265 -0.93 -15.42 32.92
C VAL A 265 0.23 -14.97 33.80
N ARG A 266 0.44 -15.64 34.94
CA ARG A 266 1.61 -15.33 35.76
C ARG A 266 2.90 -15.57 35.01
N LEU A 267 2.92 -16.59 34.14
CA LEU A 267 4.12 -16.88 33.37
C LEU A 267 4.48 -15.71 32.45
N LYS A 268 3.48 -15.08 31.84
CA LYS A 268 3.75 -13.95 30.95
C LYS A 268 4.20 -12.73 31.72
N CYS A 269 3.68 -12.51 32.93
CA CYS A 269 4.13 -11.38 33.74
C CYS A 269 5.62 -11.49 34.05
N LEU A 270 6.06 -12.68 34.47
CA LEU A 270 7.46 -12.86 34.82
C LEU A 270 8.37 -12.64 33.62
N LYS A 271 8.02 -13.21 32.47
CA LYS A 271 8.85 -13.03 31.28
C LYS A 271 8.83 -11.58 30.80
N ALA A 272 7.73 -10.86 31.04
CA ALA A 272 7.70 -9.44 30.72
C ALA A 272 8.64 -8.66 31.62
N LEU A 273 8.68 -8.98 32.91
CA LEU A 273 9.59 -8.31 33.82
C LEU A 273 11.04 -8.71 33.57
N GLN A 274 11.27 -9.95 33.13
CA GLN A 274 12.63 -10.40 32.85
C GLN A 274 13.30 -9.52 31.81
N SER A 275 12.58 -9.18 30.74
CA SER A 275 13.15 -8.35 29.69
C SER A 275 13.44 -6.93 30.16
N LEU A 276 12.78 -6.47 31.24
CA LEU A 276 13.05 -5.14 31.77
C LEU A 276 14.25 -5.16 32.71
N TYR A 277 14.29 -6.11 33.64
CA TYR A 277 15.39 -6.18 34.59
C TYR A 277 16.70 -6.60 33.95
N THR A 278 16.66 -7.29 32.80
CA THR A 278 17.90 -7.67 32.14
C THR A 278 18.60 -6.49 31.49
N ASN A 279 17.97 -5.32 31.46
CA ASN A 279 18.58 -4.11 30.91
C ASN A 279 18.99 -3.21 32.08
N ARG A 280 20.30 -3.00 32.23
CA ARG A 280 20.81 -2.24 33.37
C ARG A 280 20.36 -0.79 33.35
N GLU A 281 20.15 -0.22 32.16
CA GLU A 281 19.75 1.17 32.06
C GLU A 281 18.32 1.41 32.51
N LEU A 282 17.54 0.35 32.71
CA LEU A 282 16.14 0.47 33.15
C LEU A 282 15.97 0.17 34.64
N PHE A 283 17.04 -0.20 35.34
CA PHE A 283 16.90 -0.55 36.75
C PHE A 283 16.45 0.60 37.64
N PRO A 284 16.94 1.84 37.48
CA PRO A 284 16.42 2.93 38.33
C PRO A 284 14.91 3.14 38.18
N LYS A 285 14.35 2.86 37.01
CA LYS A 285 12.92 2.98 36.81
C LYS A 285 12.15 1.86 37.50
N LEU A 286 12.81 0.75 37.80
CA LEU A 286 12.16 -0.41 38.41
C LEU A 286 12.36 -0.49 39.92
N GLU A 287 13.00 0.49 40.52
CA GLU A 287 13.28 0.42 41.96
C GLU A 287 12.01 0.45 42.79
N LEU A 288 11.10 1.39 42.48
CA LEU A 288 9.86 1.47 43.23
C LEU A 288 8.98 0.25 43.00
N PHE A 289 9.01 -0.29 41.78
CA PHE A 289 8.23 -1.50 41.50
C PHE A 289 8.77 -2.70 42.26
N THR A 290 10.10 -2.80 42.39
CA THR A 290 10.70 -3.91 43.11
C THR A 290 10.28 -3.92 44.57
N ASN A 291 10.33 -2.76 45.22
CA ASN A 291 9.97 -2.68 46.63
C ASN A 291 8.50 -2.97 46.86
N ARG A 292 7.63 -2.59 45.93
CA ARG A 292 6.20 -2.78 46.11
C ARG A 292 5.77 -4.22 45.87
N PHE A 293 6.45 -4.94 44.98
CA PHE A 293 6.08 -6.30 44.62
C PHE A 293 7.19 -7.31 44.88
N LYS A 294 8.10 -7.00 45.81
CA LYS A 294 9.16 -7.95 46.15
C LYS A 294 8.59 -9.22 46.74
N ASP A 295 7.67 -9.09 47.70
CA ASP A 295 7.14 -10.26 48.40
C ASP A 295 6.41 -11.20 47.44
N ARG A 296 5.64 -10.65 46.51
CA ARG A 296 4.91 -11.49 45.56
C ARG A 296 5.86 -12.19 44.60
N ILE A 297 6.90 -11.49 44.15
CA ILE A 297 7.82 -12.07 43.17
C ILE A 297 8.61 -13.22 43.78
N VAL A 298 9.18 -13.00 44.97
CA VAL A 298 9.96 -14.05 45.61
C VAL A 298 9.06 -15.22 46.02
N SER A 299 7.79 -14.95 46.31
CA SER A 299 6.89 -16.02 46.67
C SER A 299 6.60 -16.95 45.50
N MET A 300 6.72 -16.43 44.27
CA MET A 300 6.46 -17.22 43.07
C MET A 300 7.63 -18.12 42.68
N THR A 301 8.80 -17.98 43.34
CA THR A 301 9.89 -18.90 43.07
C THR A 301 9.56 -20.34 43.47
N LEU A 302 8.56 -20.51 44.33
CA LEU A 302 8.02 -21.82 44.67
C LEU A 302 6.54 -21.91 44.31
N ASP A 303 6.19 -21.37 43.14
CA ASP A 303 4.82 -21.42 42.67
C ASP A 303 4.38 -22.87 42.47
N LYS A 304 3.07 -23.11 42.61
CA LYS A 304 2.56 -24.46 42.45
C LYS A 304 2.77 -24.98 41.04
N GLU A 305 2.87 -24.08 40.06
CA GLU A 305 3.19 -24.46 38.69
C GLU A 305 4.69 -24.43 38.50
N TYR A 306 5.25 -25.54 37.98
CA TYR A 306 6.70 -25.64 37.85
C TYR A 306 7.25 -24.61 36.85
N ASP A 307 6.58 -24.44 35.72
CA ASP A 307 7.06 -23.50 34.71
C ASP A 307 7.08 -22.07 35.23
N VAL A 308 6.10 -21.70 36.06
CA VAL A 308 6.06 -20.36 36.63
C VAL A 308 7.21 -20.18 37.63
N ALA A 309 7.45 -21.20 38.46
CA ALA A 309 8.49 -21.09 39.49
C ALA A 309 9.87 -20.95 38.85
N VAL A 310 10.10 -21.64 37.75
CA VAL A 310 11.39 -21.56 37.07
C VAL A 310 11.66 -20.13 36.59
N GLU A 311 10.64 -19.47 36.04
CA GLU A 311 10.82 -18.12 35.53
C GLU A 311 10.88 -17.09 36.65
N ALA A 312 10.21 -17.35 37.78
CA ALA A 312 10.35 -16.46 38.92
C ALA A 312 11.76 -16.53 39.50
N ILE A 313 12.35 -17.73 39.53
CA ILE A 313 13.74 -17.86 39.94
C ILE A 313 14.65 -17.11 38.98
N ARG A 314 14.38 -17.22 37.68
CA ARG A 314 15.17 -16.49 36.70
C ARG A 314 15.03 -14.99 36.89
N LEU A 315 13.83 -14.52 37.23
CA LEU A 315 13.61 -13.09 37.44
C LEU A 315 14.35 -12.60 38.69
N VAL A 316 14.25 -13.35 39.79
CA VAL A 316 14.94 -12.94 41.02
C VAL A 316 16.44 -12.91 40.80
N THR A 317 16.98 -13.87 40.03
CA THR A 317 18.40 -13.87 39.72
C THR A 317 18.80 -12.62 38.96
N LEU A 318 17.95 -12.18 38.03
CA LEU A 318 18.23 -10.93 37.30
C LEU A 318 18.14 -9.72 38.23
N ILE A 319 17.18 -9.72 39.14
CA ILE A 319 17.05 -8.62 40.10
C ILE A 319 18.29 -8.54 40.99
N LEU A 320 18.77 -9.70 41.46
CA LEU A 320 19.94 -9.71 42.33
C LEU A 320 21.19 -9.27 41.58
N HIS A 321 21.39 -9.76 40.36
CA HIS A 321 22.57 -9.38 39.59
C HIS A 321 22.52 -7.91 39.19
N GLY A 322 21.33 -7.33 39.09
CA GLY A 322 21.22 -5.93 38.73
C GLY A 322 21.69 -5.00 39.84
N SER A 323 21.50 -5.38 41.09
CA SER A 323 21.91 -4.56 42.22
C SER A 323 23.39 -4.77 42.53
N GLY B 4 -19.50 6.47 -5.26
CA GLY B 4 -19.79 6.99 -3.93
C GLY B 4 -21.27 7.08 -3.63
N THR B 5 -21.70 8.23 -3.08
CA THR B 5 -23.10 8.42 -2.75
C THR B 5 -23.92 8.64 -4.01
N LEU B 6 -25.25 8.60 -3.84
CA LEU B 6 -26.15 8.77 -4.97
C LEU B 6 -26.00 10.16 -5.58
N PHE B 7 -25.86 11.19 -4.75
CA PHE B 7 -25.81 12.56 -5.25
C PHE B 7 -24.56 12.80 -6.10
N GLU B 8 -23.40 12.35 -5.62
CA GLU B 8 -22.16 12.61 -6.35
C GLU B 8 -22.11 11.82 -7.65
N VAL B 9 -22.63 10.59 -7.66
CA VAL B 9 -22.65 9.82 -8.90
C VAL B 9 -23.59 10.47 -9.91
N VAL B 10 -24.77 10.93 -9.46
CA VAL B 10 -25.70 11.59 -10.37
C VAL B 10 -25.15 12.94 -10.81
N LYS B 11 -24.51 13.67 -9.91
CA LYS B 11 -23.96 14.97 -10.26
C LYS B 11 -22.90 14.85 -11.36
N LEU B 12 -22.01 13.87 -11.22
CA LEU B 12 -20.95 13.70 -12.23
C LEU B 12 -21.54 13.12 -13.52
N GLY B 13 -22.37 12.10 -13.42
CA GLY B 13 -22.97 11.50 -14.60
C GLY B 13 -21.97 10.91 -15.57
N LYS B 14 -20.96 10.22 -15.05
CA LYS B 14 -19.92 9.65 -15.90
C LYS B 14 -20.51 8.59 -16.82
N SER B 15 -20.13 8.63 -18.10
CA SER B 15 -20.70 7.72 -19.08
C SER B 15 -20.15 6.31 -18.87
N ALA B 16 -20.71 5.37 -19.64
CA ALA B 16 -20.30 3.97 -19.52
C ALA B 16 -18.84 3.78 -19.95
N MET B 17 -18.49 4.29 -21.13
CA MET B 17 -17.13 4.12 -21.63
C MET B 17 -16.13 4.94 -20.82
N GLN B 18 -16.56 6.10 -20.29
CA GLN B 18 -15.68 6.88 -19.44
C GLN B 18 -15.32 6.13 -18.17
N SER B 19 -16.27 5.34 -17.64
CA SER B 19 -16.00 4.54 -16.45
C SER B 19 -15.03 3.41 -16.75
N VAL B 20 -15.18 2.76 -17.89
CA VAL B 20 -14.29 1.67 -18.27
C VAL B 20 -12.87 2.18 -18.47
N VAL B 21 -12.73 3.33 -19.14
CA VAL B 21 -11.41 3.88 -19.42
C VAL B 21 -10.70 4.28 -18.14
N ASP B 22 -11.42 4.96 -17.23
CA ASP B 22 -10.81 5.35 -15.96
C ASP B 22 -10.36 4.14 -15.17
N ASP B 23 -11.12 3.05 -15.21
CA ASP B 23 -10.71 1.83 -14.55
C ASP B 23 -9.50 1.21 -15.22
N TRP B 24 -9.44 1.26 -16.55
CA TRP B 24 -8.30 0.68 -17.26
C TRP B 24 -7.04 1.50 -17.02
N ILE B 25 -7.17 2.83 -16.97
CA ILE B 25 -6.00 3.68 -16.75
C ILE B 25 -5.42 3.42 -15.36
N GLU B 26 -6.27 3.17 -14.37
CA GLU B 26 -5.77 2.83 -13.03
C GLU B 26 -5.05 1.50 -13.04
N SER B 27 -5.59 0.51 -13.76
CA SER B 27 -4.89 -0.77 -13.90
C SER B 27 -3.59 -0.62 -14.68
N TYR B 28 -3.49 0.40 -15.53
CA TYR B 28 -2.25 0.62 -16.27
C TYR B 28 -1.16 1.20 -15.36
N LYS B 29 -1.54 2.09 -14.43
CA LYS B 29 -0.57 2.58 -13.47
C LYS B 29 -0.15 1.51 -12.47
N GLN B 30 -0.98 0.48 -12.28
CA GLN B 30 -0.63 -0.63 -11.39
C GLN B 30 0.32 -1.60 -12.07
N ASP B 31 -0.03 -2.04 -13.28
CA ASP B 31 0.79 -2.98 -14.03
C ASP B 31 0.53 -2.73 -15.51
N ARG B 32 1.52 -2.18 -16.21
CA ARG B 32 1.32 -1.81 -17.61
C ARG B 32 1.17 -3.05 -18.49
N ASP B 33 1.90 -4.12 -18.18
CA ASP B 33 1.84 -5.32 -19.02
C ASP B 33 0.48 -6.00 -18.91
N ILE B 34 -0.07 -6.11 -17.70
CA ILE B 34 -1.37 -6.75 -17.53
C ILE B 34 -2.46 -5.91 -18.17
N ALA B 35 -2.38 -4.58 -18.02
CA ALA B 35 -3.38 -3.71 -18.62
C ALA B 35 -3.32 -3.76 -20.14
N LEU B 36 -2.11 -3.72 -20.71
CA LEU B 36 -1.97 -3.84 -22.15
C LEU B 36 -2.43 -5.21 -22.64
N LEU B 37 -2.21 -6.26 -21.84
CA LEU B 37 -2.71 -7.57 -22.20
C LEU B 37 -4.23 -7.59 -22.25
N ASP B 38 -4.88 -6.92 -21.29
CA ASP B 38 -6.34 -6.82 -21.32
C ASP B 38 -6.82 -6.04 -22.53
N LEU B 39 -6.08 -4.99 -22.91
CA LEU B 39 -6.45 -4.21 -24.09
C LEU B 39 -6.24 -5.01 -25.37
N ILE B 40 -5.18 -5.82 -25.41
CA ILE B 40 -4.95 -6.69 -26.56
C ILE B 40 -6.06 -7.72 -26.67
N ASN B 41 -6.41 -8.37 -25.56
CA ASN B 41 -7.52 -9.31 -25.56
C ASN B 41 -8.85 -8.64 -25.86
N PHE B 42 -8.96 -7.33 -25.59
CA PHE B 42 -10.18 -6.61 -25.94
C PHE B 42 -10.37 -6.58 -27.46
N PHE B 43 -9.33 -6.18 -28.19
CA PHE B 43 -9.44 -6.11 -29.65
C PHE B 43 -9.56 -7.51 -30.26
N ILE B 44 -8.91 -8.51 -29.66
CA ILE B 44 -9.00 -9.87 -30.18
C ILE B 44 -10.41 -10.41 -30.02
N GLN B 45 -11.00 -10.22 -28.83
CA GLN B 45 -12.33 -10.74 -28.56
C GLN B 45 -13.43 -9.92 -29.21
N CYS B 46 -13.18 -8.64 -29.50
CA CYS B 46 -14.15 -7.86 -30.27
C CYS B 46 -14.29 -8.37 -31.70
N SER B 47 -13.33 -9.16 -32.17
CA SER B 47 -13.39 -9.74 -33.50
C SER B 47 -14.16 -11.05 -33.55
N GLY B 48 -14.77 -11.46 -32.44
CA GLY B 48 -15.42 -12.75 -32.36
C GLY B 48 -14.51 -13.89 -31.97
N CYS B 49 -13.21 -13.64 -31.83
CA CYS B 49 -12.28 -14.68 -31.40
C CYS B 49 -12.52 -15.03 -29.94
N ARG B 50 -12.64 -16.32 -29.66
CA ARG B 50 -12.92 -16.79 -28.31
C ARG B 50 -11.67 -17.06 -27.49
N GLY B 51 -10.49 -16.93 -28.08
CA GLY B 51 -9.26 -17.18 -27.36
C GLY B 51 -8.87 -16.04 -26.45
N THR B 52 -7.83 -16.29 -25.67
CA THR B 52 -7.30 -15.30 -24.72
C THR B 52 -5.78 -15.38 -24.73
N VAL B 53 -5.14 -14.25 -25.02
CA VAL B 53 -3.68 -14.18 -25.00
C VAL B 53 -3.21 -14.16 -23.56
N ARG B 54 -2.21 -14.99 -23.25
CA ARG B 54 -1.63 -15.03 -21.91
C ARG B 54 -0.44 -14.10 -21.82
N ILE B 55 -0.11 -13.70 -20.59
CA ILE B 55 0.90 -12.67 -20.40
C ILE B 55 2.29 -13.18 -20.79
N GLU B 56 2.56 -14.48 -20.59
CA GLU B 56 3.82 -15.04 -21.05
C GLU B 56 3.88 -15.16 -22.56
N MET B 57 2.72 -15.19 -23.23
CA MET B 57 2.72 -15.05 -24.69
C MET B 57 3.02 -13.62 -25.10
N PHE B 58 2.47 -12.66 -24.35
CA PHE B 58 2.70 -11.25 -24.66
C PHE B 58 4.16 -10.85 -24.44
N ARG B 59 4.84 -11.47 -23.47
CA ARG B 59 6.22 -11.11 -23.15
C ARG B 59 7.24 -11.88 -23.96
N ASN B 60 6.86 -12.97 -24.65
CA ASN B 60 7.81 -13.80 -25.36
C ASN B 60 7.53 -13.94 -26.85
N MET B 61 6.29 -13.76 -27.31
CA MET B 61 5.95 -13.96 -28.69
C MET B 61 5.81 -12.62 -29.42
N GLN B 62 6.08 -12.65 -30.72
CA GLN B 62 5.79 -11.52 -31.58
C GLN B 62 4.31 -11.53 -31.96
N ASN B 63 3.83 -10.38 -32.45
CA ASN B 63 2.42 -10.27 -32.80
C ASN B 63 2.02 -11.25 -33.88
N ALA B 64 2.91 -11.54 -34.83
CA ALA B 64 2.58 -12.49 -35.89
C ALA B 64 2.24 -13.87 -35.32
N GLU B 65 3.03 -14.34 -34.35
CA GLU B 65 2.74 -15.63 -33.74
C GLU B 65 1.50 -15.57 -32.87
N ILE B 66 1.31 -14.46 -32.15
CA ILE B 66 0.13 -14.31 -31.31
C ILE B 66 -1.14 -14.35 -32.16
N ILE B 67 -1.13 -13.65 -33.30
CA ILE B 67 -2.30 -13.65 -34.18
C ILE B 67 -2.49 -15.02 -34.82
N ARG B 68 -1.38 -15.69 -35.17
CA ARG B 68 -1.47 -17.04 -35.72
C ARG B 68 -2.12 -17.99 -34.72
N LYS B 69 -1.79 -17.84 -33.42
CA LYS B 69 -2.40 -18.69 -32.41
C LYS B 69 -3.88 -18.35 -32.20
N MET B 70 -4.21 -17.05 -32.17
CA MET B 70 -5.59 -16.65 -31.99
C MET B 70 -6.46 -17.01 -33.20
N THR B 71 -5.85 -17.20 -34.37
CA THR B 71 -6.62 -17.63 -35.54
C THR B 71 -7.28 -18.98 -35.30
N GLU B 72 -6.65 -19.85 -34.53
CA GLU B 72 -7.19 -21.17 -34.23
C GLU B 72 -8.29 -21.14 -33.18
N GLU B 73 -8.65 -19.96 -32.67
CA GLU B 73 -9.58 -19.85 -31.55
C GLU B 73 -10.91 -19.22 -31.95
N PHE B 74 -11.36 -19.48 -33.18
CA PHE B 74 -12.65 -18.98 -33.65
C PHE B 74 -13.68 -20.12 -33.62
N ASP B 75 -14.92 -19.74 -33.35
CA ASP B 75 -16.03 -20.69 -33.39
C ASP B 75 -16.25 -21.11 -34.84
N GLU B 76 -15.78 -22.31 -35.20
CA GLU B 76 -15.85 -22.77 -36.58
C GLU B 76 -17.27 -23.07 -37.05
N ASP B 77 -18.26 -22.96 -36.17
CA ASP B 77 -19.66 -23.21 -36.53
C ASP B 77 -20.51 -21.94 -36.46
N SER B 78 -19.87 -20.78 -36.42
CA SER B 78 -20.58 -19.50 -36.40
C SER B 78 -19.86 -18.52 -37.30
N GLY B 79 -20.61 -17.57 -37.84
CA GLY B 79 -20.05 -16.58 -38.73
C GLY B 79 -20.34 -15.15 -38.34
N ASP B 80 -21.11 -14.96 -37.27
CA ASP B 80 -21.50 -13.64 -36.80
C ASP B 80 -20.45 -13.12 -35.84
N TYR B 81 -19.62 -12.14 -36.30
CA TYR B 81 -18.75 -11.54 -35.31
C TYR B 81 -19.31 -10.19 -34.86
N PRO B 82 -19.00 -9.77 -33.62
CA PRO B 82 -19.76 -8.67 -32.99
C PRO B 82 -19.93 -7.41 -33.82
N LEU B 83 -18.92 -7.01 -34.60
CA LEU B 83 -19.02 -5.75 -35.31
C LEU B 83 -19.94 -5.81 -36.52
N THR B 84 -20.41 -6.99 -36.91
CA THR B 84 -21.32 -7.13 -38.04
C THR B 84 -22.57 -7.93 -37.65
N MET B 85 -22.93 -7.91 -36.38
CA MET B 85 -24.13 -8.67 -36.04
C MET B 85 -25.37 -7.78 -36.11
N PRO B 86 -26.50 -8.33 -36.55
CA PRO B 86 -27.74 -7.55 -36.58
C PRO B 86 -28.35 -7.43 -35.20
N GLY B 87 -29.12 -6.36 -35.01
CA GLY B 87 -29.80 -6.12 -33.77
C GLY B 87 -29.47 -4.76 -33.18
N PRO B 88 -30.32 -4.27 -32.28
CA PRO B 88 -30.07 -2.96 -31.65
C PRO B 88 -28.99 -3.03 -30.59
N GLN B 89 -28.86 -4.18 -29.93
CA GLN B 89 -27.84 -4.32 -28.89
C GLN B 89 -26.44 -4.30 -29.48
N TRP B 90 -26.23 -5.00 -30.59
CA TRP B 90 -24.93 -4.97 -31.25
C TRP B 90 -24.67 -3.66 -31.96
N LYS B 91 -25.72 -2.93 -32.33
CA LYS B 91 -25.53 -1.60 -32.89
C LYS B 91 -24.98 -0.64 -31.83
N LYS B 92 -25.41 -0.79 -30.58
CA LYS B 92 -24.86 0.03 -29.51
C LYS B 92 -23.46 -0.44 -29.13
N PHE B 93 -23.16 -1.73 -29.33
CA PHE B 93 -21.82 -2.23 -29.07
C PHE B 93 -20.80 -1.59 -30.01
N ARG B 94 -21.14 -1.50 -31.29
CA ARG B 94 -20.25 -0.84 -32.25
C ARG B 94 -20.04 0.63 -31.87
N SER B 95 -21.10 1.29 -31.41
CA SER B 95 -20.97 2.67 -30.96
C SER B 95 -20.10 2.76 -29.71
N ASN B 96 -20.29 1.83 -28.77
CA ASN B 96 -19.45 1.82 -27.57
C ASN B 96 -18.02 1.42 -27.90
N PHE B 97 -17.83 0.53 -28.87
CA PHE B 97 -16.48 0.16 -29.30
C PHE B 97 -15.72 1.38 -29.80
N CYS B 98 -16.35 2.16 -30.68
CA CYS B 98 -15.70 3.35 -31.20
C CYS B 98 -15.54 4.43 -30.14
N GLU B 99 -16.55 4.57 -29.27
CA GLU B 99 -16.47 5.59 -28.22
C GLU B 99 -15.40 5.25 -27.19
N PHE B 100 -15.23 3.96 -26.90
CA PHE B 100 -14.19 3.54 -25.96
C PHE B 100 -12.81 3.99 -26.41
N ILE B 101 -12.53 3.88 -27.72
CA ILE B 101 -11.23 4.26 -28.24
C ILE B 101 -11.03 5.77 -28.15
N GLY B 102 -12.06 6.53 -28.50
CA GLY B 102 -11.95 7.98 -28.41
C GLY B 102 -11.75 8.48 -27.00
N VAL B 103 -12.49 7.90 -26.05
CA VAL B 103 -12.35 8.31 -24.66
C VAL B 103 -11.02 7.84 -24.09
N LEU B 104 -10.54 6.67 -24.52
CA LEU B 104 -9.28 6.15 -24.01
C LEU B 104 -8.12 7.10 -24.32
N ILE B 105 -8.03 7.54 -25.58
CA ILE B 105 -6.92 8.42 -25.98
C ILE B 105 -7.07 9.79 -25.35
N ARG B 106 -8.31 10.30 -25.27
CA ARG B 106 -8.54 11.61 -24.68
C ARG B 106 -8.12 11.65 -23.21
N GLN B 107 -8.36 10.56 -22.49
CA GLN B 107 -7.98 10.51 -21.08
C GLN B 107 -6.50 10.23 -20.87
N CYS B 108 -5.81 9.70 -21.89
CA CYS B 108 -4.37 9.44 -21.82
C CYS B 108 -3.54 10.49 -22.54
N GLN B 109 -4.17 11.55 -23.07
CA GLN B 109 -3.51 12.44 -24.01
C GLN B 109 -2.45 13.33 -23.38
N TYR B 110 -2.36 13.39 -22.05
CA TYR B 110 -1.45 14.32 -21.39
C TYR B 110 -0.25 13.65 -20.74
N SER B 111 -0.18 12.31 -20.77
CA SER B 111 0.96 11.63 -20.14
C SER B 111 1.16 10.22 -20.70
N ILE B 112 0.15 9.36 -20.53
CA ILE B 112 0.29 7.95 -20.88
C ILE B 112 0.57 7.79 -22.37
N ILE B 113 -0.01 8.66 -23.21
CA ILE B 113 0.16 8.55 -24.65
C ILE B 113 1.61 8.77 -25.07
N TYR B 114 2.42 9.40 -24.21
CA TYR B 114 3.81 9.72 -24.53
C TYR B 114 4.82 8.81 -23.85
N ASP B 115 4.38 7.73 -23.21
CA ASP B 115 5.31 6.88 -22.47
C ASP B 115 6.07 5.91 -23.37
N GLU B 116 5.86 5.96 -24.69
CA GLU B 116 6.60 5.14 -25.65
C GLU B 116 6.40 3.64 -25.41
N TYR B 117 5.25 3.26 -24.87
CA TYR B 117 4.98 1.85 -24.61
C TYR B 117 3.53 1.52 -24.89
N MET B 118 2.61 2.38 -24.45
CA MET B 118 1.19 2.12 -24.62
C MET B 118 0.79 2.21 -26.09
N MET B 119 1.11 3.33 -26.75
CA MET B 119 0.70 3.52 -28.13
C MET B 119 1.44 2.58 -29.07
N ASP B 120 2.72 2.33 -28.81
CA ASP B 120 3.49 1.42 -29.65
C ASP B 120 2.90 0.02 -29.62
N THR B 121 2.44 -0.43 -28.45
CA THR B 121 1.84 -1.76 -28.35
C THR B 121 0.52 -1.83 -29.10
N VAL B 122 -0.31 -0.80 -28.99
CA VAL B 122 -1.62 -0.81 -29.63
C VAL B 122 -1.47 -0.73 -31.15
N ILE B 123 -0.64 0.20 -31.62
CA ILE B 123 -0.48 0.39 -33.06
C ILE B 123 0.13 -0.84 -33.71
N SER B 124 1.11 -1.46 -33.04
CA SER B 124 1.74 -2.66 -33.59
C SER B 124 0.73 -3.82 -33.67
N LEU B 125 -0.11 -3.97 -32.64
CA LEU B 125 -1.12 -5.03 -32.67
C LEU B 125 -2.15 -4.78 -33.76
N LEU B 126 -2.67 -3.54 -33.83
CA LEU B 126 -3.68 -3.23 -34.85
C LEU B 126 -3.11 -3.36 -36.25
N THR B 127 -1.84 -3.00 -36.44
CA THR B 127 -1.21 -3.15 -37.75
C THR B 127 -1.11 -4.62 -38.14
N GLY B 128 -0.68 -5.47 -37.21
CA GLY B 128 -0.59 -6.90 -37.50
C GLY B 128 -1.95 -7.53 -37.77
N LEU B 129 -2.96 -7.14 -36.99
CA LEU B 129 -4.30 -7.64 -37.23
C LEU B 129 -4.87 -7.14 -38.56
N SER B 130 -4.47 -5.94 -38.98
CA SER B 130 -4.96 -5.40 -40.25
C SER B 130 -4.35 -6.08 -41.46
N ASP B 131 -3.18 -6.71 -41.29
CA ASP B 131 -2.56 -7.48 -42.35
C ASP B 131 -2.91 -8.96 -42.29
N SER B 132 -3.74 -9.37 -41.33
CA SER B 132 -4.13 -10.75 -41.21
C SER B 132 -5.02 -11.17 -42.40
N GLN B 133 -5.05 -12.48 -42.64
CA GLN B 133 -5.96 -13.03 -43.64
C GLN B 133 -7.32 -13.38 -43.04
N VAL B 134 -7.50 -13.20 -41.75
CA VAL B 134 -8.81 -13.42 -41.12
C VAL B 134 -9.66 -12.19 -41.34
N ARG B 135 -10.86 -12.40 -41.90
CA ARG B 135 -11.74 -11.28 -42.22
C ARG B 135 -12.14 -10.51 -40.97
N ALA B 136 -12.42 -11.22 -39.88
CA ALA B 136 -12.85 -10.55 -38.65
C ALA B 136 -11.73 -9.71 -38.05
N PHE B 137 -10.48 -10.16 -38.18
CA PHE B 137 -9.37 -9.39 -37.61
C PHE B 137 -9.14 -8.09 -38.37
N ARG B 138 -9.20 -8.14 -39.70
CA ARG B 138 -8.98 -6.92 -40.48
C ARG B 138 -10.09 -5.90 -40.23
N HIS B 139 -11.34 -6.36 -40.15
CA HIS B 139 -12.46 -5.44 -39.97
C HIS B 139 -12.39 -4.74 -38.62
N THR B 140 -12.13 -5.51 -37.56
CA THR B 140 -12.07 -4.93 -36.22
C THR B 140 -10.88 -3.98 -36.08
N SER B 141 -9.70 -4.40 -36.54
CA SER B 141 -8.51 -3.59 -36.37
C SER B 141 -8.56 -2.33 -37.21
N THR B 142 -9.13 -2.41 -38.42
CA THR B 142 -9.23 -1.21 -39.25
C THR B 142 -10.17 -0.19 -38.64
N LEU B 143 -11.35 -0.64 -38.18
CA LEU B 143 -12.27 0.26 -37.50
C LEU B 143 -11.63 0.88 -36.28
N ALA B 144 -10.89 0.07 -35.51
CA ALA B 144 -10.19 0.59 -34.34
C ALA B 144 -9.11 1.59 -34.72
N ALA B 145 -8.32 1.26 -35.75
CA ALA B 145 -7.24 2.15 -36.17
C ALA B 145 -7.78 3.46 -36.73
N MET B 146 -8.92 3.42 -37.42
CA MET B 146 -9.52 4.64 -37.93
C MET B 146 -9.97 5.56 -36.81
N LYS B 147 -10.69 4.99 -35.82
CA LYS B 147 -11.09 5.78 -34.67
C LYS B 147 -9.89 6.20 -33.83
N LEU B 148 -8.84 5.37 -33.80
CA LEU B 148 -7.62 5.75 -33.09
C LEU B 148 -6.97 6.96 -33.75
N MET B 149 -6.97 6.99 -35.09
CA MET B 149 -6.41 8.13 -35.80
C MET B 149 -7.21 9.40 -35.53
N THR B 150 -8.53 9.30 -35.53
CA THR B 150 -9.37 10.46 -35.24
C THR B 150 -9.09 11.01 -33.84
N ALA B 151 -8.89 10.11 -32.87
CA ALA B 151 -8.55 10.56 -31.52
C ALA B 151 -7.19 11.26 -31.50
N LEU B 152 -6.23 10.73 -32.27
CA LEU B 152 -4.92 11.39 -32.34
C LEU B 152 -5.02 12.75 -33.00
N VAL B 153 -5.93 12.91 -33.96
CA VAL B 153 -6.14 14.22 -34.58
C VAL B 153 -6.69 15.20 -33.56
N ASN B 154 -7.61 14.74 -32.71
CA ASN B 154 -8.12 15.59 -31.64
C ASN B 154 -7.02 15.96 -30.65
N VAL B 155 -6.05 15.07 -30.45
CA VAL B 155 -4.92 15.40 -29.57
C VAL B 155 -4.06 16.48 -30.21
N ALA B 156 -3.84 16.41 -31.52
CA ALA B 156 -3.07 17.43 -32.21
C ALA B 156 -3.79 18.77 -32.21
N LEU B 157 -5.12 18.74 -32.33
CA LEU B 157 -5.89 20.00 -32.28
C LEU B 157 -5.80 20.65 -30.90
N ASN B 158 -5.81 19.84 -29.84
CA ASN B 158 -5.62 20.39 -28.50
C ASN B 158 -4.21 20.91 -28.30
N LEU B 159 -3.22 20.26 -28.92
CA LEU B 159 -1.84 20.72 -28.78
C LEU B 159 -1.63 22.06 -29.47
N SER B 160 -2.22 22.24 -30.65
CA SER B 160 -2.12 23.53 -31.33
C SER B 160 -2.79 24.64 -30.53
N ILE B 161 -3.86 24.32 -29.80
CA ILE B 161 -4.49 25.31 -28.94
C ILE B 161 -3.59 25.64 -27.76
N HIS B 162 -2.96 24.63 -27.17
CA HIS B 162 -2.03 24.87 -26.08
C HIS B 162 -0.79 25.64 -26.56
N GLN B 163 -0.43 25.48 -27.83
CA GLN B 163 0.72 26.21 -28.36
C GLN B 163 0.42 27.69 -28.50
N ASP B 164 -0.82 28.04 -28.89
CA ASP B 164 -1.18 29.44 -28.99
C ASP B 164 -1.38 30.06 -27.61
N ASN B 165 -1.88 29.28 -26.64
CA ASN B 165 -1.99 29.79 -25.28
C ASN B 165 -0.62 30.04 -24.68
N THR B 166 0.35 29.19 -25.01
CA THR B 166 1.72 29.42 -24.56
C THR B 166 2.34 30.63 -25.24
N GLN B 167 1.99 30.87 -26.51
CA GLN B 167 2.54 32.02 -27.23
C GLN B 167 2.06 33.33 -26.60
N ARG B 168 0.78 33.43 -26.26
CA ARG B 168 0.26 34.66 -25.67
C ARG B 168 0.72 34.81 -24.22
N GLN B 169 0.73 33.70 -23.46
CA GLN B 169 1.17 33.74 -22.07
C GLN B 169 2.65 34.07 -21.94
N TYR B 170 3.41 33.99 -23.04
CA TYR B 170 4.82 34.38 -23.02
C TYR B 170 5.06 35.80 -23.51
N GLU B 171 4.17 36.32 -24.35
CA GLU B 171 4.28 37.69 -24.85
C GLU B 171 4.09 38.70 -23.72
N LEU B 189 9.00 29.64 -19.65
CA LEU B 189 7.83 29.24 -20.42
C LEU B 189 8.22 28.85 -21.85
N LEU B 190 9.36 29.38 -22.31
CA LEU B 190 9.87 29.00 -23.63
C LEU B 190 10.24 27.52 -23.70
N GLN B 191 10.53 26.91 -22.55
CA GLN B 191 10.69 25.46 -22.52
C GLN B 191 9.39 24.75 -22.87
N LYS B 192 8.26 25.28 -22.38
CA LYS B 192 6.97 24.66 -22.65
C LYS B 192 6.60 24.77 -24.12
N ARG B 193 6.95 25.88 -24.76
CA ARG B 193 6.71 26.02 -26.20
C ARG B 193 7.50 25.00 -27.00
N LYS B 194 8.65 24.57 -26.49
CA LYS B 194 9.43 23.52 -27.15
C LYS B 194 8.89 22.13 -26.82
N GLU B 195 8.43 21.93 -25.57
CA GLU B 195 7.87 20.63 -25.20
C GLU B 195 6.57 20.36 -25.94
N LEU B 196 5.76 21.40 -26.16
CA LEU B 196 4.53 21.23 -26.92
C LEU B 196 4.81 20.87 -28.37
N GLN B 197 5.92 21.36 -28.93
CA GLN B 197 6.29 20.99 -30.29
C GLN B 197 6.79 19.54 -30.35
N GLU B 198 7.49 19.09 -29.31
CA GLU B 198 7.92 17.70 -29.25
C GLU B 198 6.73 16.75 -29.14
N ASN B 199 5.66 17.17 -28.46
CA ASN B 199 4.46 16.34 -28.41
C ASN B 199 3.76 16.32 -29.76
N GLN B 200 3.72 17.45 -30.46
CA GLN B 200 3.13 17.49 -31.80
C GLN B 200 3.88 16.57 -32.76
N ASP B 201 5.20 16.51 -32.65
CA ASP B 201 5.98 15.64 -33.50
C ASP B 201 5.73 14.17 -33.19
N GLU B 202 5.62 13.84 -31.90
CA GLU B 202 5.38 12.45 -31.51
C GLU B 202 4.00 11.99 -31.96
N ILE B 203 2.99 12.86 -31.87
CA ILE B 203 1.65 12.51 -32.32
C ILE B 203 1.63 12.33 -33.83
N GLU B 204 2.36 13.19 -34.56
CA GLU B 204 2.41 13.06 -36.01
C GLU B 204 3.08 11.76 -36.44
N ASN B 205 4.09 11.31 -35.70
CA ASN B 205 4.71 10.02 -36.02
C ASN B 205 3.74 8.87 -35.82
N MET B 206 2.91 8.94 -34.77
CA MET B 206 1.89 7.91 -34.57
C MET B 206 0.85 7.93 -35.67
N MET B 207 0.41 9.13 -36.08
CA MET B 207 -0.57 9.24 -37.16
C MET B 207 0.00 8.72 -38.48
N ASN B 208 1.29 8.98 -38.72
CA ASN B 208 1.92 8.47 -39.94
C ASN B 208 2.03 6.95 -39.91
N SER B 209 2.27 6.36 -38.73
CA SER B 209 2.37 4.91 -38.64
C SER B 209 1.04 4.24 -38.93
N ILE B 210 -0.07 4.84 -38.48
CA ILE B 210 -1.38 4.28 -38.75
C ILE B 210 -1.75 4.47 -40.22
N PHE B 211 -1.44 5.64 -40.78
CA PHE B 211 -1.80 5.91 -42.17
C PHE B 211 -0.98 5.06 -43.12
N LYS B 212 0.35 5.09 -42.99
CA LYS B 212 1.21 4.34 -43.89
C LYS B 212 1.15 2.84 -43.62
N GLY B 213 0.84 2.44 -42.39
CA GLY B 213 0.86 1.04 -42.04
C GLY B 213 -0.48 0.32 -42.18
N ILE B 214 -1.58 1.07 -42.17
CA ILE B 214 -2.89 0.45 -42.16
C ILE B 214 -3.80 1.04 -43.24
N PHE B 215 -3.88 2.38 -43.29
CA PHE B 215 -4.87 3.01 -44.16
C PHE B 215 -4.58 2.74 -45.63
N VAL B 216 -3.33 2.94 -46.07
CA VAL B 216 -3.00 2.80 -47.48
C VAL B 216 -3.20 1.39 -47.98
N HIS B 217 -3.30 0.41 -47.07
CA HIS B 217 -3.57 -0.98 -47.45
C HIS B 217 -5.04 -1.35 -47.29
N ARG B 218 -5.71 -0.83 -46.27
CA ARG B 218 -7.08 -1.22 -46.00
C ARG B 218 -8.10 -0.44 -46.82
N TYR B 219 -7.76 0.75 -47.32
CA TYR B 219 -8.68 1.45 -48.20
C TYR B 219 -8.82 0.77 -49.56
N ARG B 220 -7.94 -0.18 -49.87
CA ARG B 220 -8.05 -1.03 -51.05
C ARG B 220 -8.40 -2.47 -50.69
N ASP B 221 -8.95 -2.70 -49.50
CA ASP B 221 -9.27 -4.04 -49.04
C ASP B 221 -10.30 -4.69 -49.95
N ALA B 222 -10.28 -6.03 -49.96
CA ALA B 222 -11.25 -6.79 -50.74
C ALA B 222 -12.66 -6.66 -50.21
N ILE B 223 -12.82 -6.34 -48.93
CA ILE B 223 -14.14 -6.23 -48.30
C ILE B 223 -14.62 -4.80 -48.42
N ALA B 224 -15.86 -4.63 -48.89
CA ALA B 224 -16.38 -3.30 -49.17
C ALA B 224 -16.55 -2.48 -47.89
N GLU B 225 -17.03 -3.11 -46.82
CA GLU B 225 -17.24 -2.36 -45.58
C GLU B 225 -15.93 -1.84 -45.00
N ILE B 226 -14.84 -2.58 -45.17
CA ILE B 226 -13.54 -2.12 -44.69
C ILE B 226 -13.10 -0.90 -45.49
N ARG B 227 -13.33 -0.90 -46.80
CA ARG B 227 -13.01 0.28 -47.60
C ARG B 227 -13.88 1.46 -47.20
N ALA B 228 -15.16 1.22 -46.96
CA ALA B 228 -16.06 2.30 -46.55
C ALA B 228 -15.64 2.89 -45.21
N ILE B 229 -15.13 2.07 -44.30
CA ILE B 229 -14.66 2.58 -43.01
C ILE B 229 -13.48 3.50 -43.20
N CYS B 230 -12.55 3.15 -44.10
CA CYS B 230 -11.40 4.01 -44.34
C CYS B 230 -11.80 5.31 -45.01
N ILE B 231 -12.70 5.25 -46.00
CA ILE B 231 -13.09 6.45 -46.73
C ILE B 231 -13.83 7.42 -45.81
N GLU B 232 -14.73 6.91 -44.97
CA GLU B 232 -15.48 7.78 -44.08
C GLU B 232 -14.57 8.52 -43.11
N GLU B 233 -13.55 7.84 -42.60
CA GLU B 233 -12.71 8.44 -41.57
C GLU B 233 -11.72 9.44 -42.13
N ILE B 234 -11.18 9.19 -43.33
CA ILE B 234 -10.27 10.16 -43.92
C ILE B 234 -11.02 11.44 -44.26
N GLY B 235 -12.30 11.35 -44.61
CA GLY B 235 -13.11 12.54 -44.76
C GLY B 235 -13.30 13.29 -43.44
N VAL B 236 -13.30 12.56 -42.33
CA VAL B 236 -13.39 13.22 -41.02
C VAL B 236 -12.11 13.98 -40.71
N TRP B 237 -10.95 13.37 -40.96
CA TRP B 237 -9.68 14.03 -40.66
C TRP B 237 -9.50 15.30 -41.47
N MET B 238 -9.81 15.25 -42.78
CA MET B 238 -9.67 16.42 -43.63
C MET B 238 -10.63 17.53 -43.22
N LYS B 239 -11.77 17.17 -42.61
CA LYS B 239 -12.74 18.18 -42.19
C LYS B 239 -12.40 18.78 -40.84
N MET B 240 -11.95 17.95 -39.89
CA MET B 240 -11.67 18.44 -38.54
C MET B 240 -10.30 19.11 -38.42
N TYR B 241 -9.35 18.79 -39.30
CA TYR B 241 -8.00 19.33 -39.26
C TYR B 241 -7.59 19.65 -40.69
N SER B 242 -8.19 20.71 -41.25
CA SER B 242 -7.97 21.04 -42.65
C SER B 242 -6.54 21.50 -42.92
N ASP B 243 -5.92 22.20 -41.95
CA ASP B 243 -4.58 22.72 -42.17
C ASP B 243 -3.54 21.62 -42.34
N ALA B 244 -3.81 20.42 -41.84
CA ALA B 244 -2.86 19.32 -41.89
C ALA B 244 -3.27 18.19 -42.82
N PHE B 245 -4.57 17.98 -43.04
CA PHE B 245 -5.04 16.85 -43.82
C PHE B 245 -5.74 17.22 -45.12
N LEU B 246 -6.26 18.43 -45.25
CA LEU B 246 -6.97 18.83 -46.47
C LEU B 246 -5.94 19.32 -47.48
N ASN B 247 -5.32 18.36 -48.17
CA ASN B 247 -4.38 18.64 -49.24
C ASN B 247 -4.49 17.54 -50.28
N ASP B 248 -3.74 17.69 -51.37
CA ASP B 248 -3.86 16.76 -52.49
C ASP B 248 -3.32 15.38 -52.14
N SER B 249 -2.39 15.29 -51.19
CA SER B 249 -1.83 13.98 -50.84
C SER B 249 -2.85 13.10 -50.14
N TYR B 250 -3.81 13.69 -49.44
CA TYR B 250 -4.87 12.92 -48.79
C TYR B 250 -6.15 12.85 -49.61
N LEU B 251 -6.44 13.88 -50.41
CA LEU B 251 -7.66 13.88 -51.22
C LEU B 251 -7.62 12.80 -52.29
N LYS B 252 -6.43 12.42 -52.76
CA LYS B 252 -6.34 11.49 -53.87
C LYS B 252 -6.89 10.11 -53.51
N TYR B 253 -6.80 9.71 -52.24
CA TYR B 253 -7.33 8.42 -51.85
C TYR B 253 -8.84 8.37 -51.95
N VAL B 254 -9.52 9.50 -51.70
CA VAL B 254 -10.96 9.56 -51.90
C VAL B 254 -11.28 9.59 -53.39
N GLY B 255 -10.54 10.39 -54.16
CA GLY B 255 -10.78 10.45 -55.59
C GLY B 255 -10.53 9.13 -56.29
N TRP B 256 -9.50 8.40 -55.88
CA TRP B 256 -9.19 7.10 -56.45
C TRP B 256 -10.24 6.04 -56.12
N THR B 257 -11.13 6.31 -55.17
CA THR B 257 -12.17 5.38 -54.77
C THR B 257 -13.54 5.80 -55.25
N LEU B 258 -13.65 6.92 -55.98
CA LEU B 258 -14.95 7.43 -56.41
C LEU B 258 -15.71 6.42 -57.24
N HIS B 259 -15.01 5.60 -58.03
CA HIS B 259 -15.64 4.61 -58.90
C HIS B 259 -15.43 3.19 -58.37
N ASP B 260 -15.57 3.03 -57.06
CA ASP B 260 -15.51 1.70 -56.47
C ASP B 260 -16.66 0.85 -56.99
N ARG B 261 -16.44 -0.47 -57.03
CA ARG B 261 -17.45 -1.37 -57.57
C ARG B 261 -18.72 -1.40 -56.73
N GLN B 262 -18.63 -1.06 -55.45
CA GLN B 262 -19.77 -1.13 -54.53
C GLN B 262 -20.34 0.27 -54.32
N GLY B 263 -21.66 0.38 -54.39
CA GLY B 263 -22.31 1.67 -54.26
C GLY B 263 -22.18 2.26 -52.86
N GLU B 264 -22.07 1.41 -51.85
CA GLU B 264 -21.88 1.90 -50.49
C GLU B 264 -20.56 2.64 -50.34
N VAL B 265 -19.53 2.19 -51.05
CA VAL B 265 -18.23 2.86 -50.99
C VAL B 265 -18.27 4.18 -51.76
N ARG B 266 -18.93 4.18 -52.92
CA ARG B 266 -19.07 5.42 -53.68
C ARG B 266 -19.87 6.45 -52.90
N LEU B 267 -20.87 6.01 -52.14
CA LEU B 267 -21.61 6.94 -51.28
C LEU B 267 -20.69 7.58 -50.24
N LYS B 268 -19.81 6.80 -49.63
CA LYS B 268 -18.91 7.35 -48.62
C LYS B 268 -17.98 8.40 -49.23
N CYS B 269 -17.48 8.15 -50.44
CA CYS B 269 -16.63 9.13 -51.10
C CYS B 269 -17.38 10.45 -51.34
N LEU B 270 -18.63 10.34 -51.80
CA LEU B 270 -19.41 11.55 -52.08
C LEU B 270 -19.73 12.32 -50.80
N LYS B 271 -20.17 11.61 -49.76
CA LYS B 271 -20.48 12.28 -48.50
C LYS B 271 -19.24 12.92 -47.89
N ALA B 272 -18.08 12.29 -48.05
CA ALA B 272 -16.84 12.87 -47.52
C ALA B 272 -16.49 14.17 -48.25
N LEU B 273 -16.67 14.20 -49.57
CA LEU B 273 -16.39 15.41 -50.33
C LEU B 273 -17.46 16.47 -50.09
N GLN B 274 -18.70 16.06 -49.85
CA GLN B 274 -19.77 17.03 -49.60
C GLN B 274 -19.48 17.86 -48.35
N SER B 275 -18.98 17.21 -47.29
CA SER B 275 -18.68 17.91 -46.05
C SER B 275 -17.54 18.90 -46.20
N LEU B 276 -16.69 18.73 -47.22
CA LEU B 276 -15.60 19.64 -47.50
C LEU B 276 -16.04 20.80 -48.39
N TYR B 277 -16.75 20.49 -49.48
CA TYR B 277 -17.20 21.53 -50.40
C TYR B 277 -18.35 22.37 -49.83
N THR B 278 -18.99 21.92 -48.76
CA THR B 278 -20.02 22.73 -48.12
C THR B 278 -19.44 23.93 -47.38
N ASN B 279 -18.13 23.95 -47.16
CA ASN B 279 -17.44 25.08 -46.53
C ASN B 279 -16.72 25.85 -47.64
N ARG B 280 -17.27 27.00 -48.03
CA ARG B 280 -16.70 27.77 -49.13
C ARG B 280 -15.31 28.31 -48.80
N GLU B 281 -14.91 28.31 -47.53
CA GLU B 281 -13.58 28.76 -47.15
C GLU B 281 -12.51 27.71 -47.40
N LEU B 282 -12.88 26.52 -47.89
CA LEU B 282 -11.94 25.45 -48.13
C LEU B 282 -11.69 25.20 -49.62
N PHE B 283 -12.32 25.98 -50.49
CA PHE B 283 -12.22 25.79 -51.94
C PHE B 283 -10.82 26.05 -52.50
N PRO B 284 -10.05 27.01 -51.98
CA PRO B 284 -8.65 27.11 -52.43
C PRO B 284 -7.87 25.81 -52.28
N LYS B 285 -8.12 25.06 -51.21
CA LYS B 285 -7.44 23.78 -51.02
C LYS B 285 -8.04 22.67 -51.87
N LEU B 286 -9.23 22.88 -52.44
CA LEU B 286 -9.90 21.88 -53.26
C LEU B 286 -9.85 22.23 -54.75
N GLU B 287 -9.23 23.34 -55.12
CA GLU B 287 -9.27 23.79 -56.52
C GLU B 287 -8.54 22.81 -57.43
N LEU B 288 -7.34 22.40 -57.05
CA LEU B 288 -6.58 21.48 -57.89
C LEU B 288 -7.26 20.10 -57.96
N PHE B 289 -7.78 19.63 -56.83
CA PHE B 289 -8.47 18.35 -56.82
C PHE B 289 -9.72 18.37 -57.71
N THR B 290 -10.44 19.50 -57.71
CA THR B 290 -11.65 19.59 -58.52
C THR B 290 -11.33 19.45 -60.00
N ASN B 291 -10.28 20.13 -60.47
CA ASN B 291 -9.89 20.03 -61.87
C ASN B 291 -9.32 18.66 -62.19
N ARG B 292 -8.55 18.08 -61.27
CA ARG B 292 -7.91 16.80 -61.54
C ARG B 292 -8.92 15.67 -61.63
N PHE B 293 -9.99 15.74 -60.82
CA PHE B 293 -10.98 14.67 -60.73
C PHE B 293 -12.34 15.09 -61.25
N LYS B 294 -12.41 16.10 -62.12
CA LYS B 294 -13.70 16.57 -62.61
C LYS B 294 -14.45 15.47 -63.36
N ASP B 295 -13.79 14.85 -64.34
CA ASP B 295 -14.47 13.85 -65.17
C ASP B 295 -14.98 12.69 -64.33
N ARG B 296 -14.20 12.26 -63.33
CA ARG B 296 -14.60 11.13 -62.50
C ARG B 296 -15.74 11.51 -61.56
N ILE B 297 -15.84 12.79 -61.20
CA ILE B 297 -16.92 13.24 -60.31
C ILE B 297 -18.22 13.42 -61.07
N VAL B 298 -18.18 14.14 -62.19
CA VAL B 298 -19.41 14.49 -62.90
C VAL B 298 -20.06 13.25 -63.51
N SER B 299 -19.28 12.23 -63.84
CA SER B 299 -19.84 11.01 -64.41
C SER B 299 -20.73 10.27 -63.42
N MET B 300 -20.56 10.53 -62.12
CA MET B 300 -21.35 9.85 -61.10
C MET B 300 -22.75 10.42 -60.95
N THR B 301 -23.03 11.58 -61.56
CA THR B 301 -24.38 12.13 -61.50
C THR B 301 -25.39 11.27 -62.23
N LEU B 302 -24.93 10.36 -63.08
CA LEU B 302 -25.78 9.36 -63.73
C LEU B 302 -25.32 7.96 -63.37
N ASP B 303 -24.98 7.74 -62.11
CA ASP B 303 -24.53 6.45 -61.64
C ASP B 303 -25.67 5.43 -61.73
N LYS B 304 -25.29 4.15 -61.89
CA LYS B 304 -26.28 3.09 -61.99
C LYS B 304 -27.14 3.00 -60.73
N GLU B 305 -26.58 3.33 -59.58
CA GLU B 305 -27.32 3.34 -58.33
C GLU B 305 -27.98 4.70 -58.14
N TYR B 306 -29.28 4.70 -57.87
CA TYR B 306 -30.03 5.95 -57.77
C TYR B 306 -29.55 6.80 -56.60
N ASP B 307 -29.30 6.17 -55.44
CA ASP B 307 -28.87 6.92 -54.27
C ASP B 307 -27.50 7.57 -54.47
N VAL B 308 -26.61 6.92 -55.22
CA VAL B 308 -25.29 7.49 -55.48
C VAL B 308 -25.41 8.69 -56.41
N ALA B 309 -26.26 8.59 -57.43
CA ALA B 309 -26.40 9.68 -58.40
C ALA B 309 -26.98 10.92 -57.74
N VAL B 310 -27.91 10.74 -56.79
CA VAL B 310 -28.49 11.89 -56.10
C VAL B 310 -27.43 12.64 -55.32
N GLU B 311 -26.58 11.91 -54.58
CA GLU B 311 -25.52 12.55 -53.82
C GLU B 311 -24.45 13.15 -54.73
N ALA B 312 -24.21 12.53 -55.88
CA ALA B 312 -23.27 13.11 -56.83
C ALA B 312 -23.79 14.43 -57.40
N ILE B 313 -25.08 14.49 -57.70
CA ILE B 313 -25.69 15.74 -58.15
C ILE B 313 -25.58 16.80 -57.07
N ARG B 314 -25.92 16.45 -55.83
CA ARG B 314 -25.81 17.39 -54.73
C ARG B 314 -24.37 17.86 -54.55
N LEU B 315 -23.39 17.00 -54.83
CA LEU B 315 -22.00 17.39 -54.72
C LEU B 315 -21.61 18.38 -55.82
N VAL B 316 -22.12 18.18 -57.03
CA VAL B 316 -21.70 19.01 -58.16
C VAL B 316 -22.22 20.44 -57.97
N THR B 317 -23.46 20.59 -57.52
CA THR B 317 -23.97 21.93 -57.27
C THR B 317 -23.22 22.61 -56.13
N LEU B 318 -22.74 21.83 -55.15
CA LEU B 318 -21.88 22.40 -54.12
C LEU B 318 -20.58 22.92 -54.72
N ILE B 319 -19.99 22.17 -55.64
CA ILE B 319 -18.78 22.61 -56.32
C ILE B 319 -19.08 23.85 -57.16
N LEU B 320 -20.23 23.87 -57.82
CA LEU B 320 -20.56 25.00 -58.69
C LEU B 320 -20.84 26.26 -57.88
N HIS B 321 -21.60 26.15 -56.79
CA HIS B 321 -21.95 27.32 -55.99
C HIS B 321 -20.74 27.94 -55.31
N GLY B 322 -19.66 27.18 -55.13
CA GLY B 322 -18.48 27.71 -54.45
C GLY B 322 -17.72 28.74 -55.25
N SER B 323 -17.87 28.74 -56.57
CA SER B 323 -17.17 29.70 -57.41
C SER B 323 -17.89 31.04 -57.41
N GLY C 4 -9.39 -12.86 -3.77
CA GLY C 4 -10.40 -13.10 -2.76
C GLY C 4 -10.41 -12.06 -1.66
N THR C 5 -11.18 -12.33 -0.60
CA THR C 5 -11.25 -11.41 0.53
C THR C 5 -9.94 -11.43 1.31
N LEU C 6 -9.79 -10.43 2.18
CA LEU C 6 -8.60 -10.36 3.03
C LEU C 6 -8.49 -11.59 3.92
N PHE C 7 -9.62 -12.09 4.42
CA PHE C 7 -9.60 -13.23 5.32
C PHE C 7 -9.08 -14.48 4.61
N GLU C 8 -9.49 -14.69 3.36
CA GLU C 8 -9.06 -15.89 2.63
C GLU C 8 -7.58 -15.82 2.28
N VAL C 9 -7.06 -14.63 1.98
CA VAL C 9 -5.65 -14.50 1.63
C VAL C 9 -4.76 -14.58 2.87
N VAL C 10 -5.22 -14.02 3.99
CA VAL C 10 -4.43 -14.10 5.21
C VAL C 10 -4.42 -15.53 5.75
N LYS C 11 -5.56 -16.23 5.65
CA LYS C 11 -5.60 -17.63 6.09
C LYS C 11 -4.70 -18.51 5.23
N LEU C 12 -4.64 -18.22 3.93
CA LEU C 12 -3.79 -18.96 3.00
C LEU C 12 -2.52 -18.14 2.77
N GLY C 13 -1.57 -18.28 3.70
CA GLY C 13 -0.32 -17.55 3.61
C GLY C 13 0.53 -17.97 2.44
N LYS C 14 0.19 -17.49 1.24
CA LYS C 14 0.92 -17.82 0.02
C LYS C 14 1.79 -16.63 -0.38
N SER C 15 3.10 -16.85 -0.45
CA SER C 15 4.04 -15.78 -0.75
C SER C 15 4.02 -15.44 -2.24
N ALA C 16 4.81 -14.44 -2.61
CA ALA C 16 4.88 -14.03 -4.02
C ALA C 16 5.57 -15.10 -4.85
N MET C 17 6.58 -15.77 -4.30
CA MET C 17 7.25 -16.83 -5.05
C MET C 17 6.38 -18.07 -5.14
N GLN C 18 5.63 -18.38 -4.07
CA GLN C 18 4.69 -19.50 -4.14
C GLN C 18 3.59 -19.22 -5.17
N SER C 19 3.19 -17.96 -5.32
CA SER C 19 2.18 -17.63 -6.31
C SER C 19 2.76 -17.69 -7.73
N VAL C 20 3.98 -17.20 -7.92
CA VAL C 20 4.58 -17.22 -9.25
C VAL C 20 4.98 -18.62 -9.67
N VAL C 21 5.19 -19.53 -8.71
CA VAL C 21 5.39 -20.93 -9.06
C VAL C 21 4.08 -21.55 -9.52
N ASP C 22 2.98 -21.23 -8.84
CA ASP C 22 1.67 -21.68 -9.33
C ASP C 22 1.38 -21.14 -10.72
N ASP C 23 1.72 -19.88 -10.97
CA ASP C 23 1.50 -19.31 -12.30
C ASP C 23 2.41 -19.95 -13.33
N TRP C 24 3.66 -20.26 -12.96
CA TRP C 24 4.56 -20.91 -13.90
C TRP C 24 4.11 -22.32 -14.21
N ILE C 25 3.63 -23.05 -13.20
CA ILE C 25 3.10 -24.39 -13.44
C ILE C 25 1.87 -24.33 -14.33
N GLU C 26 1.01 -23.32 -14.11
CA GLU C 26 -0.13 -23.12 -15.00
C GLU C 26 0.34 -22.84 -16.42
N SER C 27 1.39 -22.02 -16.57
CA SER C 27 1.92 -21.74 -17.91
C SER C 27 2.56 -22.98 -18.51
N TYR C 28 3.16 -23.84 -17.68
CA TYR C 28 3.79 -25.06 -18.20
C TYR C 28 2.75 -26.00 -18.79
N LYS C 29 1.56 -26.06 -18.19
CA LYS C 29 0.50 -26.91 -18.72
C LYS C 29 -0.08 -26.37 -20.02
N GLN C 30 0.02 -25.05 -20.25
CA GLN C 30 -0.48 -24.47 -21.49
C GLN C 30 0.53 -24.59 -22.62
N ASP C 31 1.75 -24.10 -22.40
CA ASP C 31 2.83 -24.19 -23.37
C ASP C 31 4.11 -24.53 -22.63
N ARG C 32 4.62 -25.74 -22.84
CA ARG C 32 5.81 -26.19 -22.11
C ARG C 32 7.06 -25.42 -22.54
N ASP C 33 7.16 -25.06 -23.82
CA ASP C 33 8.36 -24.37 -24.29
C ASP C 33 8.40 -22.92 -23.80
N ILE C 34 7.24 -22.27 -23.72
CA ILE C 34 7.21 -20.89 -23.23
C ILE C 34 7.59 -20.84 -21.76
N ALA C 35 7.05 -21.75 -20.95
CA ALA C 35 7.36 -21.75 -19.52
C ALA C 35 8.82 -22.12 -19.26
N LEU C 36 9.35 -23.08 -20.01
CA LEU C 36 10.75 -23.43 -19.84
C LEU C 36 11.66 -22.27 -20.26
N LEU C 37 11.28 -21.54 -21.30
CA LEU C 37 12.06 -20.37 -21.69
C LEU C 37 12.08 -19.33 -20.57
N ASP C 38 10.92 -19.11 -19.92
CA ASP C 38 10.87 -18.21 -18.77
C ASP C 38 11.78 -18.72 -17.66
N LEU C 39 11.86 -20.04 -17.49
CA LEU C 39 12.71 -20.60 -16.44
C LEU C 39 14.18 -20.51 -16.82
N ILE C 40 14.50 -20.70 -18.10
CA ILE C 40 15.88 -20.57 -18.56
C ILE C 40 16.35 -19.13 -18.39
N ASN C 41 15.53 -18.18 -18.85
CA ASN C 41 15.88 -16.77 -18.69
C ASN C 41 15.95 -16.35 -17.23
N PHE C 42 15.25 -17.05 -16.35
CA PHE C 42 15.36 -16.77 -14.92
C PHE C 42 16.76 -17.05 -14.40
N PHE C 43 17.28 -18.25 -14.68
CA PHE C 43 18.63 -18.58 -14.24
C PHE C 43 19.68 -17.72 -14.93
N ILE C 44 19.43 -17.33 -16.17
CA ILE C 44 20.38 -16.48 -16.89
C ILE C 44 20.40 -15.07 -16.29
N GLN C 45 19.23 -14.55 -15.92
CA GLN C 45 19.17 -13.24 -15.27
C GLN C 45 19.76 -13.30 -13.87
N CYS C 46 19.54 -14.40 -13.14
CA CYS C 46 20.11 -14.53 -11.81
C CYS C 46 21.64 -14.55 -11.86
N SER C 47 22.21 -14.98 -12.99
CA SER C 47 23.66 -15.01 -13.15
C SER C 47 24.24 -13.63 -13.49
N GLY C 48 23.39 -12.63 -13.72
CA GLY C 48 23.87 -11.29 -14.00
C GLY C 48 23.82 -10.87 -15.46
N CYS C 49 23.37 -11.75 -16.35
CA CYS C 49 23.26 -11.40 -17.76
C CYS C 49 22.13 -10.40 -17.97
N ARG C 50 22.42 -9.31 -18.68
CA ARG C 50 21.41 -8.34 -19.04
C ARG C 50 20.63 -8.74 -20.29
N GLY C 51 20.98 -9.86 -20.92
CA GLY C 51 20.29 -10.32 -22.11
C GLY C 51 19.16 -11.29 -21.79
N THR C 52 18.52 -11.77 -22.86
CA THR C 52 17.41 -12.69 -22.73
C THR C 52 17.35 -13.57 -23.97
N VAL C 53 16.92 -14.82 -23.77
CA VAL C 53 16.78 -15.77 -24.86
C VAL C 53 15.39 -15.61 -25.48
N ARG C 54 15.34 -15.38 -26.78
CA ARG C 54 14.08 -15.32 -27.49
C ARG C 54 13.53 -16.72 -27.73
N ILE C 55 12.23 -16.79 -28.01
CA ILE C 55 11.58 -18.09 -28.18
C ILE C 55 12.09 -18.80 -29.43
N GLU C 56 12.46 -18.04 -30.47
CA GLU C 56 12.99 -18.67 -31.68
C GLU C 56 14.38 -19.24 -31.45
N MET C 57 15.16 -18.66 -30.53
CA MET C 57 16.43 -19.27 -30.14
C MET C 57 16.19 -20.58 -29.40
N PHE C 58 15.28 -20.56 -28.43
CA PHE C 58 15.00 -21.75 -27.63
C PHE C 58 14.49 -22.90 -28.49
N ARG C 59 13.78 -22.59 -29.57
CA ARG C 59 13.22 -23.62 -30.44
C ARG C 59 14.23 -24.20 -31.41
N ASN C 60 15.34 -23.50 -31.66
CA ASN C 60 16.25 -23.89 -32.74
C ASN C 60 17.71 -23.93 -32.30
N MET C 61 17.99 -23.93 -31.00
CA MET C 61 19.38 -23.94 -30.53
C MET C 61 19.53 -24.91 -29.37
N GLN C 62 20.78 -25.29 -29.11
CA GLN C 62 21.14 -26.17 -28.01
C GLN C 62 21.61 -25.33 -26.82
N ASN C 63 21.85 -26.01 -25.71
CA ASN C 63 22.29 -25.31 -24.50
C ASN C 63 23.68 -24.74 -24.67
N ALA C 64 24.58 -25.48 -25.35
CA ALA C 64 25.94 -24.99 -25.54
C ALA C 64 25.96 -23.67 -26.31
N GLU C 65 25.04 -23.51 -27.26
CA GLU C 65 24.96 -22.25 -28.00
C GLU C 65 24.30 -21.15 -27.18
N ILE C 66 23.31 -21.51 -26.35
CA ILE C 66 22.68 -20.52 -25.48
C ILE C 66 23.68 -19.98 -24.48
N ILE C 67 24.50 -20.87 -23.90
CA ILE C 67 25.50 -20.43 -22.93
C ILE C 67 26.60 -19.64 -23.61
N ARG C 68 26.96 -20.01 -24.85
CA ARG C 68 27.98 -19.28 -25.58
C ARG C 68 27.55 -17.85 -25.84
N LYS C 69 26.28 -17.64 -26.18
CA LYS C 69 25.78 -16.30 -26.46
C LYS C 69 25.76 -15.44 -25.19
N MET C 70 25.27 -15.99 -24.08
CA MET C 70 25.25 -15.24 -22.84
C MET C 70 26.64 -15.02 -22.26
N THR C 71 27.61 -15.86 -22.63
CA THR C 71 28.97 -15.65 -22.17
C THR C 71 29.58 -14.39 -22.79
N GLU C 72 29.13 -14.01 -23.99
CA GLU C 72 29.66 -12.82 -24.64
C GLU C 72 29.31 -11.54 -23.88
N GLU C 73 28.32 -11.58 -22.99
CA GLU C 73 27.98 -10.42 -22.17
C GLU C 73 28.99 -10.18 -21.06
N PHE C 74 29.94 -11.09 -20.86
CA PHE C 74 30.98 -10.92 -19.84
C PHE C 74 32.35 -10.74 -20.49
N GLY C 79 31.17 -7.31 -13.84
CA GLY C 79 31.99 -7.75 -12.73
C GLY C 79 31.21 -8.49 -11.67
N ASP C 80 30.34 -7.75 -10.96
CA ASP C 80 29.53 -8.35 -9.92
C ASP C 80 28.30 -9.04 -10.52
N TYR C 81 27.61 -9.78 -9.67
CA TYR C 81 26.42 -10.53 -10.05
C TYR C 81 25.48 -10.59 -8.88
N PRO C 82 24.19 -10.85 -9.08
CA PRO C 82 23.20 -10.74 -8.00
C PRO C 82 23.56 -11.46 -6.71
N LEU C 83 24.28 -12.59 -6.78
CA LEU C 83 24.65 -13.28 -5.56
C LEU C 83 25.75 -12.56 -4.78
N THR C 84 26.38 -11.54 -5.36
CA THR C 84 27.42 -10.77 -4.69
C THR C 84 27.17 -9.26 -4.74
N MET C 85 25.98 -8.83 -5.14
CA MET C 85 25.72 -7.41 -5.26
C MET C 85 25.56 -6.77 -3.88
N PRO C 86 26.18 -5.61 -3.64
CA PRO C 86 25.88 -4.86 -2.42
C PRO C 86 24.65 -3.99 -2.59
N GLY C 87 24.10 -3.56 -1.46
CA GLY C 87 22.94 -2.71 -1.45
C GLY C 87 21.73 -3.38 -0.83
N PRO C 88 20.71 -2.59 -0.50
CA PRO C 88 19.53 -3.17 0.16
C PRO C 88 18.64 -3.98 -0.77
N GLN C 89 18.63 -3.68 -2.07
CA GLN C 89 17.76 -4.38 -2.99
C GLN C 89 18.29 -5.77 -3.37
N TRP C 90 19.49 -6.13 -2.93
CA TRP C 90 20.04 -7.46 -3.16
C TRP C 90 20.34 -8.19 -1.86
N LYS C 91 19.73 -7.76 -0.75
CA LYS C 91 20.05 -8.32 0.55
C LYS C 91 19.59 -9.76 0.66
N LYS C 92 18.32 -10.02 0.40
CA LYS C 92 17.73 -11.35 0.55
C LYS C 92 17.70 -12.14 -0.75
N PHE C 93 18.48 -11.72 -1.76
CA PHE C 93 18.44 -12.41 -3.04
C PHE C 93 18.86 -13.86 -2.91
N ARG C 94 19.96 -14.13 -2.19
CA ARG C 94 20.43 -15.50 -2.04
C ARG C 94 19.38 -16.36 -1.35
N SER C 95 18.77 -15.85 -0.28
CA SER C 95 17.73 -16.60 0.42
C SER C 95 16.52 -16.83 -0.47
N ASN C 96 16.09 -15.81 -1.22
CA ASN C 96 14.95 -15.98 -2.11
C ASN C 96 15.30 -16.92 -3.27
N PHE C 97 16.53 -16.82 -3.78
CA PHE C 97 16.95 -17.67 -4.88
C PHE C 97 16.91 -19.15 -4.48
N CYS C 98 17.44 -19.48 -3.30
CA CYS C 98 17.39 -20.85 -2.83
C CYS C 98 15.98 -21.29 -2.49
N GLU C 99 15.17 -20.37 -1.93
CA GLU C 99 13.80 -20.72 -1.57
C GLU C 99 12.95 -20.99 -2.80
N PHE C 100 13.15 -20.23 -3.87
CA PHE C 100 12.37 -20.44 -5.09
C PHE C 100 12.60 -21.83 -5.66
N ILE C 101 13.86 -22.30 -5.64
CA ILE C 101 14.17 -23.61 -6.18
C ILE C 101 13.48 -24.70 -5.36
N GLY C 102 13.46 -24.55 -4.04
CA GLY C 102 12.77 -25.52 -3.20
C GLY C 102 11.28 -25.52 -3.42
N VAL C 103 10.69 -24.34 -3.61
CA VAL C 103 9.24 -24.25 -3.85
C VAL C 103 8.90 -24.83 -5.22
N LEU C 104 9.72 -24.54 -6.23
CA LEU C 104 9.44 -25.00 -7.58
C LEU C 104 9.41 -26.53 -7.65
N ILE C 105 10.41 -27.18 -7.07
CA ILE C 105 10.47 -28.64 -7.11
C ILE C 105 9.38 -29.25 -6.25
N ARG C 106 9.13 -28.65 -5.07
CA ARG C 106 8.10 -29.16 -4.18
C ARG C 106 6.73 -29.17 -4.85
N GLN C 107 6.42 -28.13 -5.62
CA GLN C 107 5.13 -28.04 -6.29
C GLN C 107 5.06 -28.87 -7.57
N CYS C 108 6.21 -29.25 -8.15
CA CYS C 108 6.26 -30.06 -9.35
C CYS C 108 6.54 -31.52 -9.06
N GLN C 109 6.63 -31.91 -7.79
CA GLN C 109 7.20 -33.21 -7.43
C GLN C 109 6.32 -34.39 -7.78
N TYR C 110 5.06 -34.18 -8.16
CA TYR C 110 4.15 -35.30 -8.38
C TYR C 110 3.85 -35.56 -9.86
N SER C 111 4.39 -34.75 -10.78
CA SER C 111 4.10 -34.97 -12.19
C SER C 111 5.13 -34.31 -13.10
N ILE C 112 5.33 -33.00 -12.93
CA ILE C 112 6.13 -32.23 -13.89
C ILE C 112 7.58 -32.70 -13.90
N ILE C 113 8.15 -33.00 -12.73
CA ILE C 113 9.56 -33.38 -12.68
C ILE C 113 9.82 -34.71 -13.38
N TYR C 114 8.79 -35.52 -13.59
CA TYR C 114 8.94 -36.84 -14.20
C TYR C 114 8.73 -36.85 -15.70
N ASP C 115 8.44 -35.70 -16.33
CA ASP C 115 8.09 -35.70 -17.75
C ASP C 115 9.30 -35.77 -18.67
N GLU C 116 10.51 -35.91 -18.13
CA GLU C 116 11.74 -36.05 -18.92
C GLU C 116 11.94 -34.86 -19.87
N TYR C 117 11.49 -33.68 -19.46
CA TYR C 117 11.60 -32.50 -20.30
C TYR C 117 11.99 -31.28 -19.48
N MET C 118 11.26 -31.04 -18.39
CA MET C 118 11.55 -29.89 -17.54
C MET C 118 12.87 -30.09 -16.79
N MET C 119 13.00 -31.21 -16.08
CA MET C 119 14.21 -31.46 -15.30
C MET C 119 15.42 -31.64 -16.22
N ASP C 120 15.23 -32.31 -17.36
CA ASP C 120 16.32 -32.46 -18.31
C ASP C 120 16.81 -31.11 -18.82
N THR C 121 15.90 -30.14 -18.97
CA THR C 121 16.30 -28.82 -19.43
C THR C 121 17.05 -28.06 -18.34
N VAL C 122 16.60 -28.15 -17.10
CA VAL C 122 17.23 -27.39 -16.02
C VAL C 122 18.62 -27.95 -15.72
N ILE C 123 18.72 -29.27 -15.56
CA ILE C 123 20.01 -29.87 -15.19
C ILE C 123 21.04 -29.63 -16.29
N SER C 124 20.63 -29.73 -17.55
CA SER C 124 21.56 -29.50 -18.65
C SER C 124 22.07 -28.07 -18.65
N LEU C 125 21.19 -27.10 -18.38
CA LEU C 125 21.61 -25.71 -18.32
C LEU C 125 22.58 -25.46 -17.17
N LEU C 126 22.22 -25.92 -15.97
CA LEU C 126 23.08 -25.69 -14.82
C LEU C 126 24.41 -26.41 -14.96
N THR C 127 24.42 -27.58 -15.60
CA THR C 127 25.67 -28.30 -15.79
C THR C 127 26.61 -27.53 -16.71
N GLY C 128 26.08 -27.00 -17.82
CA GLY C 128 26.91 -26.23 -18.72
C GLY C 128 27.41 -24.93 -18.11
N LEU C 129 26.55 -24.26 -17.34
CA LEU C 129 26.97 -23.03 -16.67
C LEU C 129 28.00 -23.31 -15.58
N SER C 130 28.00 -24.52 -15.01
CA SER C 130 28.95 -24.84 -13.95
C SER C 130 30.36 -25.07 -14.48
N ASP C 131 30.50 -25.31 -15.78
CA ASP C 131 31.80 -25.49 -16.42
C ASP C 131 32.31 -24.20 -17.07
N SER C 132 31.62 -23.09 -16.87
CA SER C 132 31.99 -21.85 -17.53
C SER C 132 33.24 -21.23 -16.87
N GLN C 133 33.90 -20.36 -17.63
CA GLN C 133 35.00 -19.58 -17.10
C GLN C 133 34.53 -18.32 -16.36
N VAL C 134 33.28 -17.94 -16.53
CA VAL C 134 32.74 -16.76 -15.86
C VAL C 134 32.37 -17.13 -14.42
N ARG C 135 32.88 -16.36 -13.47
CA ARG C 135 32.60 -16.62 -12.06
C ARG C 135 31.11 -16.55 -11.77
N ALA C 136 30.42 -15.58 -12.37
CA ALA C 136 28.98 -15.42 -12.13
C ALA C 136 28.21 -16.66 -12.54
N PHE C 137 28.62 -17.31 -13.64
CA PHE C 137 27.92 -18.50 -14.11
C PHE C 137 28.17 -19.69 -13.20
N ARG C 138 29.43 -19.91 -12.78
CA ARG C 138 29.73 -21.05 -11.93
C ARG C 138 29.10 -20.90 -10.56
N HIS C 139 29.22 -19.71 -9.95
CA HIS C 139 28.68 -19.51 -8.61
C HIS C 139 27.16 -19.67 -8.59
N THR C 140 26.47 -19.04 -9.53
CA THR C 140 25.01 -19.08 -9.53
C THR C 140 24.50 -20.49 -9.85
N SER C 141 25.07 -21.14 -10.86
CA SER C 141 24.56 -22.45 -11.26
C SER C 141 24.90 -23.53 -10.24
N THR C 142 26.06 -23.43 -9.60
CA THR C 142 26.44 -24.42 -8.59
C THR C 142 25.52 -24.32 -7.37
N LEU C 143 25.28 -23.10 -6.90
CA LEU C 143 24.35 -22.91 -5.79
C LEU C 143 22.96 -23.40 -6.16
N ALA C 144 22.52 -23.11 -7.39
CA ALA C 144 21.23 -23.62 -7.85
C ALA C 144 21.21 -25.13 -7.91
N ALA C 145 22.29 -25.74 -8.40
CA ALA C 145 22.36 -27.19 -8.51
C ALA C 145 22.38 -27.85 -7.13
N MET C 146 23.06 -27.23 -6.17
CA MET C 146 23.10 -27.80 -4.82
C MET C 146 21.74 -27.75 -4.16
N LYS C 147 21.04 -26.62 -4.26
CA LYS C 147 19.69 -26.53 -3.71
C LYS C 147 18.71 -27.41 -4.49
N LEU C 148 18.91 -27.52 -5.81
CA LEU C 148 18.07 -28.44 -6.59
C LEU C 148 18.27 -29.88 -6.14
N MET C 149 19.51 -30.27 -5.84
CA MET C 149 19.78 -31.60 -5.34
C MET C 149 19.09 -31.84 -4.01
N THR C 150 19.14 -30.85 -3.10
CA THR C 150 18.49 -30.99 -1.80
C THR C 150 16.99 -31.13 -1.96
N ALA C 151 16.39 -30.37 -2.89
CA ALA C 151 14.96 -30.51 -3.17
C ALA C 151 14.64 -31.91 -3.68
N LEU C 152 15.52 -32.47 -4.52
CA LEU C 152 15.30 -33.84 -5.00
C LEU C 152 15.45 -34.86 -3.90
N VAL C 153 16.33 -34.61 -2.93
CA VAL C 153 16.44 -35.50 -1.77
C VAL C 153 15.16 -35.49 -0.97
N ASN C 154 14.56 -34.30 -0.79
CA ASN C 154 13.27 -34.21 -0.11
C ASN C 154 12.20 -34.99 -0.85
N VAL C 155 12.22 -34.96 -2.18
CA VAL C 155 11.28 -35.75 -2.96
C VAL C 155 11.51 -37.23 -2.70
N ALA C 156 12.77 -37.67 -2.71
CA ALA C 156 13.08 -39.07 -2.42
C ALA C 156 12.68 -39.45 -1.00
N LEU C 157 12.77 -38.51 -0.06
CA LEU C 157 12.33 -38.78 1.31
C LEU C 157 10.83 -38.95 1.38
N ASN C 158 10.07 -38.12 0.65
CA ASN C 158 8.63 -38.27 0.61
C ASN C 158 8.22 -39.59 -0.01
N LEU C 159 8.95 -40.03 -1.04
CA LEU C 159 8.67 -41.33 -1.66
C LEU C 159 8.94 -42.47 -0.68
N SER C 160 9.99 -42.35 0.14
CA SER C 160 10.30 -43.38 1.11
C SER C 160 9.19 -43.49 2.16
N ILE C 161 8.56 -42.38 2.52
CA ILE C 161 7.45 -42.43 3.45
C ILE C 161 6.25 -43.14 2.83
N HIS C 162 5.94 -42.82 1.57
CA HIS C 162 4.88 -43.52 0.87
C HIS C 162 5.20 -44.99 0.68
N GLN C 163 6.48 -45.31 0.47
CA GLN C 163 6.87 -46.71 0.26
C GLN C 163 6.72 -47.52 1.54
N ASP C 164 7.07 -46.94 2.68
CA ASP C 164 6.92 -47.66 3.94
C ASP C 164 5.46 -47.83 4.32
N ASN C 165 4.63 -46.82 4.03
CA ASN C 165 3.20 -46.95 4.29
C ASN C 165 2.56 -47.99 3.38
N THR C 166 3.00 -48.04 2.12
CA THR C 166 2.42 -49.01 1.18
C THR C 166 2.84 -50.43 1.53
N GLN C 167 4.11 -50.62 1.91
CA GLN C 167 4.58 -51.95 2.27
C GLN C 167 3.87 -52.47 3.51
N ARG C 168 3.67 -51.61 4.51
CA ARG C 168 2.98 -52.08 5.72
C ARG C 168 1.49 -52.28 5.48
N GLN C 169 0.91 -51.59 4.51
CA GLN C 169 -0.49 -51.86 4.17
C GLN C 169 -0.62 -53.16 3.39
N TYR C 170 0.39 -53.50 2.59
CA TYR C 170 0.36 -54.76 1.85
C TYR C 170 0.52 -55.96 2.79
N GLU C 171 1.41 -55.85 3.78
CA GLU C 171 1.59 -56.94 4.73
C GLU C 171 0.34 -57.15 5.58
N ALA C 172 -0.30 -56.05 6.02
CA ALA C 172 -1.50 -56.17 6.83
C ALA C 172 -2.63 -56.82 6.05
N GLU C 173 -2.70 -56.58 4.74
CA GLU C 173 -3.74 -57.19 3.92
C GLU C 173 -3.40 -58.63 3.56
N ARG C 174 -2.12 -58.92 3.34
CA ARG C 174 -1.71 -60.27 2.99
C ARG C 174 -1.93 -61.25 4.15
N ASN C 175 -1.82 -60.76 5.38
CA ASN C 175 -2.02 -61.60 6.56
C ASN C 175 -3.49 -61.75 6.94
N LYS C 176 -4.40 -61.11 6.21
CA LYS C 176 -5.82 -61.22 6.52
C LYS C 176 -6.34 -62.61 6.14
N MET C 177 -7.40 -63.03 6.81
CA MET C 177 -7.96 -64.36 6.58
C MET C 177 -8.74 -64.39 5.28
N ILE C 178 -8.99 -65.61 4.79
CA ILE C 178 -9.79 -65.80 3.59
C ILE C 178 -11.22 -65.35 3.87
N GLY C 179 -11.78 -64.54 2.96
CA GLY C 179 -13.03 -63.88 3.16
C GLY C 179 -12.89 -62.43 3.56
N LYS C 180 -11.80 -62.09 4.25
CA LYS C 180 -11.46 -60.71 4.55
C LYS C 180 -10.34 -60.17 3.67
N ARG C 181 -9.47 -61.03 3.17
CA ARG C 181 -8.40 -60.60 2.28
C ARG C 181 -8.98 -60.23 0.91
N ALA C 182 -8.77 -58.99 0.50
CA ALA C 182 -9.21 -58.51 -0.80
C ALA C 182 -8.04 -58.58 -1.77
N ASN C 183 -8.21 -59.31 -2.88
CA ASN C 183 -7.11 -59.50 -3.82
C ASN C 183 -6.85 -58.23 -4.62
N GLU C 184 -7.91 -57.48 -4.95
CA GLU C 184 -7.71 -56.23 -5.68
C GLU C 184 -7.12 -55.15 -4.79
N ARG C 185 -7.41 -55.19 -3.49
CA ARG C 185 -6.72 -54.30 -2.55
C ARG C 185 -5.23 -54.63 -2.49
N LEU C 186 -4.89 -55.92 -2.50
CA LEU C 186 -3.49 -56.31 -2.64
C LEU C 186 -2.93 -55.87 -3.99
N GLU C 187 -3.75 -55.96 -5.04
CA GLU C 187 -3.29 -55.60 -6.38
C GLU C 187 -3.03 -54.10 -6.49
N LEU C 188 -3.87 -53.29 -5.84
CA LEU C 188 -3.66 -51.84 -5.88
C LEU C 188 -2.41 -51.44 -5.11
N LEU C 189 -2.14 -52.13 -4.01
CA LEU C 189 -0.95 -51.81 -3.21
C LEU C 189 0.33 -52.26 -3.92
N LEU C 190 0.30 -53.43 -4.56
CA LEU C 190 1.47 -53.88 -5.32
C LEU C 190 1.76 -52.94 -6.49
N GLN C 191 0.71 -52.43 -7.14
CA GLN C 191 0.92 -51.47 -8.22
C GLN C 191 1.46 -50.15 -7.68
N LYS C 192 1.01 -49.74 -6.50
CA LYS C 192 1.56 -48.54 -5.88
C LYS C 192 3.02 -48.74 -5.49
N ARG C 193 3.35 -49.90 -4.92
CA ARG C 193 4.74 -50.20 -4.58
C ARG C 193 5.62 -50.20 -5.82
N LYS C 194 5.08 -50.67 -6.95
CA LYS C 194 5.82 -50.65 -8.20
C LYS C 194 6.02 -49.22 -8.71
N GLU C 195 4.97 -48.41 -8.65
CA GLU C 195 5.06 -47.03 -9.14
C GLU C 195 6.02 -46.20 -8.31
N LEU C 196 6.00 -46.38 -6.99
CA LEU C 196 6.88 -45.61 -6.12
C LEU C 196 8.34 -45.95 -6.35
N GLN C 197 8.63 -47.24 -6.61
CA GLN C 197 10.01 -47.63 -6.88
C GLN C 197 10.50 -47.04 -8.20
N GLU C 198 9.66 -47.02 -9.23
CA GLU C 198 10.04 -46.42 -10.50
C GLU C 198 10.28 -44.92 -10.35
N ASN C 199 9.44 -44.25 -9.55
CA ASN C 199 9.66 -42.84 -9.27
C ASN C 199 11.00 -42.62 -8.58
N GLN C 200 11.36 -43.49 -7.63
CA GLN C 200 12.64 -43.37 -6.95
C GLN C 200 13.80 -43.52 -7.92
N ASP C 201 13.70 -44.46 -8.86
CA ASP C 201 14.75 -44.63 -9.87
C ASP C 201 14.92 -43.36 -10.69
N GLU C 202 13.82 -42.71 -11.06
CA GLU C 202 13.90 -41.48 -11.84
C GLU C 202 14.56 -40.37 -11.04
N ILE C 203 14.20 -40.22 -9.77
CA ILE C 203 14.79 -39.17 -8.93
C ILE C 203 16.27 -39.41 -8.72
N GLU C 204 16.65 -40.67 -8.48
CA GLU C 204 18.06 -40.98 -8.25
C GLU C 204 18.89 -40.79 -9.52
N ASN C 205 18.28 -40.98 -10.69
CA ASN C 205 19.00 -40.68 -11.93
C ASN C 205 19.24 -39.18 -12.08
N MET C 206 18.26 -38.36 -11.69
CA MET C 206 18.45 -36.91 -11.71
C MET C 206 19.53 -36.49 -10.72
N MET C 207 19.51 -37.05 -9.51
CA MET C 207 20.51 -36.70 -8.51
C MET C 207 21.91 -37.13 -8.94
N ASN C 208 22.02 -38.24 -9.69
CA ASN C 208 23.33 -38.65 -10.17
C ASN C 208 23.85 -37.71 -11.25
N SER C 209 22.95 -37.18 -12.08
CA SER C 209 23.36 -36.22 -13.10
C SER C 209 23.89 -34.94 -12.46
N ILE C 210 23.31 -34.52 -11.33
CA ILE C 210 23.79 -33.34 -10.64
C ILE C 210 25.11 -33.62 -9.95
N PHE C 211 25.20 -34.76 -9.26
CA PHE C 211 26.40 -35.08 -8.48
C PHE C 211 27.59 -35.34 -9.40
N LYS C 212 27.40 -36.18 -10.44
CA LYS C 212 28.50 -36.52 -11.32
C LYS C 212 28.84 -35.39 -12.29
N GLY C 213 27.86 -34.57 -12.64
CA GLY C 213 28.08 -33.54 -13.62
C GLY C 213 28.51 -32.19 -13.06
N ILE C 214 28.28 -31.97 -11.77
CA ILE C 214 28.50 -30.65 -11.19
C ILE C 214 29.31 -30.74 -9.90
N PHE C 215 28.83 -31.56 -8.95
CA PHE C 215 29.43 -31.56 -7.61
C PHE C 215 30.89 -31.99 -7.65
N VAL C 216 31.17 -33.15 -8.27
CA VAL C 216 32.54 -33.69 -8.25
C VAL C 216 33.52 -32.75 -8.94
N HIS C 217 33.02 -31.83 -9.76
CA HIS C 217 33.88 -30.82 -10.39
C HIS C 217 33.94 -29.54 -9.56
N ARG C 218 32.79 -29.07 -9.06
CA ARG C 218 32.74 -27.78 -8.38
C ARG C 218 33.20 -27.85 -6.92
N TYR C 219 33.26 -29.04 -6.33
CA TYR C 219 33.75 -29.13 -4.96
C TYR C 219 35.24 -28.87 -4.86
N ARG C 220 35.96 -28.87 -5.98
CA ARG C 220 37.36 -28.45 -6.03
C ARG C 220 37.53 -27.17 -6.85
N ASP C 221 36.52 -26.31 -6.84
CA ASP C 221 36.56 -25.08 -7.62
C ASP C 221 37.65 -24.15 -7.10
N ALA C 222 38.14 -23.29 -7.98
CA ALA C 222 39.17 -22.34 -7.59
C ALA C 222 38.67 -21.32 -6.57
N ILE C 223 37.37 -21.04 -6.60
CA ILE C 223 36.77 -20.07 -5.69
C ILE C 223 36.36 -20.78 -4.41
N ALA C 224 36.76 -20.22 -3.26
CA ALA C 224 36.53 -20.87 -1.98
C ALA C 224 35.05 -20.96 -1.65
N GLU C 225 34.28 -19.93 -2.00
CA GLU C 225 32.86 -19.94 -1.67
C GLU C 225 32.12 -21.02 -2.42
N ILE C 226 32.53 -21.32 -3.66
CA ILE C 226 31.90 -22.40 -4.41
C ILE C 226 32.19 -23.75 -3.76
N ARG C 227 33.42 -23.93 -3.26
CA ARG C 227 33.75 -25.16 -2.53
C ARG C 227 32.96 -25.25 -1.24
N ALA C 228 32.78 -24.13 -0.54
CA ALA C 228 32.02 -24.14 0.71
C ALA C 228 30.55 -24.43 0.45
N ILE C 229 30.01 -24.00 -0.68
CA ILE C 229 28.62 -24.29 -1.01
C ILE C 229 28.43 -25.79 -1.25
N CYS C 230 29.39 -26.42 -1.94
CA CYS C 230 29.28 -27.85 -2.19
C CYS C 230 29.47 -28.67 -0.93
N ILE C 231 30.42 -28.28 -0.07
CA ILE C 231 30.68 -29.04 1.15
C ILE C 231 29.51 -28.93 2.11
N GLU C 232 28.93 -27.73 2.24
CA GLU C 232 27.81 -27.57 3.16
C GLU C 232 26.61 -28.40 2.72
N GLU C 233 26.37 -28.48 1.41
CA GLU C 233 25.17 -29.14 0.92
C GLU C 233 25.29 -30.65 0.95
N ILE C 234 26.48 -31.20 0.70
CA ILE C 234 26.63 -32.65 0.77
C ILE C 234 26.46 -33.13 2.20
N GLY C 235 26.84 -32.32 3.18
CA GLY C 235 26.56 -32.65 4.56
C GLY C 235 25.07 -32.63 4.87
N VAL C 236 24.31 -31.79 4.17
CA VAL C 236 22.87 -31.76 4.34
C VAL C 236 22.25 -33.06 3.83
N TRP C 237 22.68 -33.52 2.64
CA TRP C 237 22.11 -34.72 2.06
C TRP C 237 22.38 -35.94 2.93
N MET C 238 23.60 -36.04 3.47
CA MET C 238 23.93 -37.20 4.31
C MET C 238 23.17 -37.16 5.63
N LYS C 239 22.80 -35.97 6.12
CA LYS C 239 22.08 -35.87 7.37
C LYS C 239 20.58 -36.12 7.18
N MET C 240 19.99 -35.56 6.13
CA MET C 240 18.54 -35.67 5.94
C MET C 240 18.14 -37.03 5.37
N TYR C 241 19.05 -37.69 4.62
CA TYR C 241 18.76 -38.96 3.98
C TYR C 241 19.96 -39.89 4.21
N SER C 242 20.14 -40.30 5.48
CA SER C 242 21.29 -41.11 5.83
C SER C 242 21.26 -42.48 5.19
N ASP C 243 20.07 -43.04 4.96
CA ASP C 243 19.97 -44.37 4.39
C ASP C 243 20.48 -44.45 2.95
N ALA C 244 20.57 -43.31 2.27
CA ALA C 244 20.98 -43.28 0.87
C ALA C 244 22.28 -42.53 0.62
N PHE C 245 22.64 -41.57 1.46
CA PHE C 245 23.81 -40.73 1.22
C PHE C 245 24.91 -40.87 2.25
N LEU C 246 24.63 -41.42 3.44
CA LEU C 246 25.66 -41.57 4.46
C LEU C 246 26.41 -42.88 4.21
N ASN C 247 27.39 -42.79 3.31
CA ASN C 247 28.25 -43.92 2.99
C ASN C 247 29.61 -43.38 2.57
N ASP C 248 30.55 -44.31 2.31
CA ASP C 248 31.92 -43.91 2.00
C ASP C 248 32.04 -43.22 0.64
N SER C 249 31.11 -43.46 -0.28
CA SER C 249 31.19 -42.82 -1.59
C SER C 249 30.93 -41.32 -1.50
N TYR C 250 30.12 -40.88 -0.53
CA TYR C 250 29.87 -39.46 -0.34
C TYR C 250 30.73 -38.83 0.74
N LEU C 251 31.05 -39.58 1.79
CA LEU C 251 31.87 -39.05 2.87
C LEU C 251 33.29 -38.74 2.41
N LYS C 252 33.78 -39.41 1.37
CA LYS C 252 35.16 -39.21 0.95
C LYS C 252 35.41 -37.80 0.44
N TYR C 253 34.39 -37.16 -0.14
CA TYR C 253 34.56 -35.80 -0.64
C TYR C 253 34.73 -34.81 0.50
N VAL C 254 34.06 -35.04 1.64
CA VAL C 254 34.26 -34.19 2.81
C VAL C 254 35.63 -34.45 3.42
N GLY C 255 36.07 -35.70 3.44
CA GLY C 255 37.36 -36.03 4.02
C GLY C 255 38.52 -35.47 3.20
N TRP C 256 38.41 -35.55 1.88
CA TRP C 256 39.43 -34.98 1.00
C TRP C 256 39.53 -33.47 1.12
N THR C 257 38.47 -32.80 1.55
CA THR C 257 38.43 -31.35 1.64
C THR C 257 38.86 -30.82 3.00
N LEU C 258 39.12 -31.71 3.96
CA LEU C 258 39.68 -31.28 5.25
C LEU C 258 41.04 -30.60 5.07
N HIS C 259 41.75 -30.91 3.99
CA HIS C 259 43.05 -30.32 3.71
C HIS C 259 42.96 -28.98 2.98
N ASP C 260 41.77 -28.37 2.93
CA ASP C 260 41.59 -27.18 2.12
C ASP C 260 42.40 -26.02 2.70
N ARG C 261 42.95 -25.19 1.82
CA ARG C 261 43.80 -24.09 2.28
C ARG C 261 43.00 -22.99 2.94
N GLN C 262 41.72 -22.86 2.58
CA GLN C 262 40.85 -21.84 3.15
C GLN C 262 40.19 -22.35 4.41
N GLY C 263 40.32 -21.59 5.50
CA GLY C 263 39.76 -22.01 6.77
C GLY C 263 38.24 -22.10 6.77
N GLU C 264 37.58 -21.24 6.00
CA GLU C 264 36.12 -21.29 5.92
C GLU C 264 35.63 -22.56 5.24
N VAL C 265 36.44 -23.14 4.35
CA VAL C 265 36.08 -24.42 3.76
C VAL C 265 36.31 -25.56 4.74
N ARG C 266 37.43 -25.52 5.47
CA ARG C 266 37.65 -26.51 6.52
C ARG C 266 36.58 -26.40 7.60
N LEU C 267 36.10 -25.18 7.88
CA LEU C 267 35.04 -25.00 8.86
C LEU C 267 33.75 -25.68 8.40
N LYS C 268 33.45 -25.59 7.10
CA LYS C 268 32.26 -26.26 6.57
C LYS C 268 32.38 -27.77 6.65
N CYS C 269 33.60 -28.29 6.44
CA CYS C 269 33.81 -29.73 6.55
C CYS C 269 33.54 -30.22 7.96
N LEU C 270 34.02 -29.48 8.97
CA LEU C 270 33.85 -29.92 10.35
C LEU C 270 32.39 -29.88 10.77
N LYS C 271 31.68 -28.79 10.45
CA LYS C 271 30.28 -28.68 10.83
C LYS C 271 29.43 -29.73 10.13
N ALA C 272 29.78 -30.09 8.90
CA ALA C 272 29.07 -31.16 8.20
C ALA C 272 29.24 -32.49 8.92
N LEU C 273 30.45 -32.76 9.42
CA LEU C 273 30.69 -34.00 10.15
C LEU C 273 30.05 -33.96 11.54
N GLN C 274 30.03 -32.79 12.19
CA GLN C 274 29.46 -32.68 13.52
C GLN C 274 28.00 -33.09 13.54
N SER C 275 27.22 -32.61 12.57
CA SER C 275 25.80 -32.95 12.53
C SER C 275 25.56 -34.43 12.32
N LEU C 276 26.55 -35.16 11.81
CA LEU C 276 26.44 -36.61 11.65
C LEU C 276 26.84 -37.36 12.90
N TYR C 277 27.92 -36.94 13.56
CA TYR C 277 28.41 -37.62 14.75
C TYR C 277 27.60 -37.33 16.00
N THR C 278 26.71 -36.33 15.97
CA THR C 278 25.84 -36.07 17.12
C THR C 278 24.78 -37.15 17.28
N ASN C 279 24.58 -38.00 16.29
CA ASN C 279 23.61 -39.09 16.35
C ASN C 279 24.39 -40.41 16.42
N ARG C 280 24.37 -41.04 17.59
CA ARG C 280 25.15 -42.26 17.78
C ARG C 280 24.62 -43.43 16.96
N GLU C 281 23.38 -43.35 16.46
CA GLU C 281 22.86 -44.40 15.60
C GLU C 281 23.54 -44.42 14.24
N LEU C 282 24.23 -43.34 13.87
CA LEU C 282 24.92 -43.26 12.59
C LEU C 282 26.39 -43.68 12.68
N PHE C 283 26.88 -44.01 13.88
CA PHE C 283 28.28 -44.37 14.02
C PHE C 283 28.68 -45.63 13.26
N PRO C 284 27.86 -46.70 13.17
CA PRO C 284 28.25 -47.82 12.31
C PRO C 284 28.49 -47.44 10.87
N LYS C 285 27.79 -46.42 10.36
CA LYS C 285 28.03 -45.94 9.01
C LYS C 285 29.25 -45.02 8.91
N LEU C 286 29.73 -44.51 10.04
CA LEU C 286 30.86 -43.59 10.07
C LEU C 286 32.15 -44.24 10.55
N GLU C 287 32.16 -45.55 10.78
CA GLU C 287 33.31 -46.19 11.41
C GLU C 287 34.50 -46.24 10.47
N LEU C 288 34.27 -46.65 9.21
CA LEU C 288 35.36 -46.71 8.25
C LEU C 288 35.88 -45.33 7.90
N PHE C 289 34.98 -44.34 7.80
CA PHE C 289 35.39 -42.97 7.52
C PHE C 289 36.23 -42.41 8.66
N THR C 290 35.86 -42.73 9.91
CA THR C 290 36.60 -42.20 11.05
C THR C 290 38.03 -42.72 11.07
N ASN C 291 38.22 -43.99 10.70
CA ASN C 291 39.56 -44.59 10.71
C ASN C 291 40.42 -44.10 9.56
N ARG C 292 39.82 -43.82 8.41
CA ARG C 292 40.61 -43.38 7.25
C ARG C 292 41.07 -41.94 7.41
N PHE C 293 40.30 -41.12 8.12
CA PHE C 293 40.59 -39.68 8.21
C PHE C 293 40.84 -39.22 9.65
N LYS C 294 41.14 -40.14 10.57
CA LYS C 294 41.36 -39.73 11.96
C LYS C 294 42.58 -38.83 12.09
N ASP C 295 43.67 -39.17 11.39
CA ASP C 295 44.89 -38.36 11.47
C ASP C 295 44.63 -36.95 10.96
N ARG C 296 43.87 -36.82 9.88
CA ARG C 296 43.57 -35.49 9.34
C ARG C 296 42.61 -34.72 10.24
N ILE C 297 41.75 -35.41 10.98
CA ILE C 297 40.78 -34.74 11.84
C ILE C 297 41.44 -34.24 13.12
N VAL C 298 42.22 -35.10 13.77
CA VAL C 298 42.83 -34.71 15.04
C VAL C 298 43.88 -33.62 14.85
N SER C 299 44.50 -33.55 13.68
CA SER C 299 45.47 -32.49 13.43
C SER C 299 44.81 -31.13 13.44
N MET C 300 43.54 -31.05 13.02
CA MET C 300 42.83 -29.78 12.98
C MET C 300 42.48 -29.26 14.36
N THR C 301 42.63 -30.05 15.42
CA THR C 301 42.39 -29.57 16.78
C THR C 301 43.37 -28.47 17.17
N LEU C 302 44.51 -28.38 16.50
CA LEU C 302 45.47 -27.30 16.68
C LEU C 302 45.65 -26.54 15.37
N ASP C 303 44.55 -26.29 14.67
CA ASP C 303 44.61 -25.58 13.40
C ASP C 303 45.07 -24.15 13.63
N LYS C 304 45.71 -23.58 12.59
CA LYS C 304 46.18 -22.20 12.67
C LYS C 304 45.02 -21.23 12.89
N GLU C 305 43.85 -21.54 12.35
CA GLU C 305 42.67 -20.72 12.59
C GLU C 305 42.02 -21.15 13.90
N TYR C 306 41.79 -20.18 14.79
CA TYR C 306 41.22 -20.50 16.10
C TYR C 306 39.83 -21.09 15.98
N ASP C 307 39.01 -20.56 15.06
CA ASP C 307 37.64 -21.04 14.91
C ASP C 307 37.60 -22.45 14.33
N VAL C 308 38.55 -22.79 13.45
CA VAL C 308 38.60 -24.15 12.91
C VAL C 308 39.03 -25.13 14.00
N ALA C 309 39.99 -24.74 14.84
CA ALA C 309 40.46 -25.63 15.89
C ALA C 309 39.39 -25.88 16.94
N VAL C 310 38.56 -24.87 17.23
CA VAL C 310 37.49 -25.04 18.21
C VAL C 310 36.49 -26.07 17.72
N GLU C 311 36.09 -25.98 16.45
CA GLU C 311 35.10 -26.93 15.93
C GLU C 311 35.70 -28.32 15.75
N ALA C 312 37.00 -28.41 15.44
CA ALA C 312 37.64 -29.72 15.35
C ALA C 312 37.71 -30.40 16.71
N ILE C 313 37.96 -29.62 17.76
CA ILE C 313 37.91 -30.16 19.13
C ILE C 313 36.49 -30.64 19.45
N ARG C 314 35.48 -29.87 19.03
CA ARG C 314 34.10 -30.28 19.25
C ARG C 314 33.79 -31.56 18.49
N LEU C 315 34.34 -31.71 17.29
CA LEU C 315 34.10 -32.91 16.50
C LEU C 315 34.77 -34.13 17.13
N VAL C 316 36.02 -33.98 17.58
CA VAL C 316 36.73 -35.10 18.19
C VAL C 316 36.03 -35.53 19.47
N THR C 317 35.51 -34.57 20.24
CA THR C 317 34.76 -34.91 21.44
C THR C 317 33.53 -35.73 21.11
N LEU C 318 32.84 -35.39 20.02
CA LEU C 318 31.67 -36.17 19.61
C LEU C 318 32.07 -37.58 19.18
N ILE C 319 33.22 -37.71 18.50
CA ILE C 319 33.68 -39.02 18.06
C ILE C 319 34.01 -39.89 19.26
N LEU C 320 34.58 -39.29 20.32
CA LEU C 320 34.96 -40.08 21.49
C LEU C 320 33.73 -40.51 22.29
N HIS C 321 32.78 -39.61 22.48
CA HIS C 321 31.59 -39.93 23.28
C HIS C 321 30.76 -41.01 22.62
N GLY C 322 30.60 -40.95 21.29
CA GLY C 322 29.85 -41.96 20.58
C GLY C 322 30.52 -43.31 20.45
N SER C 323 31.73 -43.46 20.97
CA SER C 323 32.43 -44.74 20.91
C SER C 323 32.53 -45.38 22.29
N GLY D 4 -35.90 51.95 21.10
CA GLY D 4 -36.97 52.19 22.06
C GLY D 4 -36.68 53.32 23.02
N THR D 5 -37.36 53.32 24.16
CA THR D 5 -37.15 54.35 25.17
C THR D 5 -35.83 54.12 25.89
N LEU D 6 -35.40 55.15 26.65
CA LEU D 6 -34.17 55.03 27.42
C LEU D 6 -34.25 53.87 28.40
N PHE D 7 -35.38 53.72 29.09
CA PHE D 7 -35.53 52.64 30.05
C PHE D 7 -35.46 51.27 29.38
N GLU D 8 -36.02 51.16 28.18
CA GLU D 8 -36.02 49.87 27.49
C GLU D 8 -34.64 49.54 26.93
N VAL D 9 -33.93 50.53 26.41
CA VAL D 9 -32.63 50.27 25.81
C VAL D 9 -31.59 50.03 26.90
N VAL D 10 -31.68 50.76 28.02
CA VAL D 10 -30.76 50.53 29.13
C VAL D 10 -30.99 49.15 29.74
N LYS D 11 -32.26 48.72 29.82
CA LYS D 11 -32.55 47.37 30.29
C LYS D 11 -31.96 46.32 29.36
N LEU D 12 -32.02 46.57 28.05
CA LEU D 12 -31.47 45.62 27.09
C LEU D 12 -29.96 45.49 27.24
N GLY D 13 -29.27 46.63 27.36
CA GLY D 13 -27.85 46.61 27.64
C GLY D 13 -26.99 45.96 26.59
N LYS D 14 -27.42 45.99 25.33
CA LYS D 14 -26.64 45.39 24.26
C LYS D 14 -25.49 46.31 23.88
N SER D 15 -24.27 45.75 23.85
CA SER D 15 -23.12 46.50 23.42
C SER D 15 -23.16 46.70 21.91
N ALA D 16 -22.19 47.46 21.38
CA ALA D 16 -22.12 47.68 19.95
C ALA D 16 -21.84 46.39 19.19
N MET D 17 -21.05 45.49 19.78
CA MET D 17 -20.77 44.21 19.13
C MET D 17 -21.92 43.23 19.28
N GLN D 18 -22.65 43.28 20.40
CA GLN D 18 -23.83 42.43 20.54
C GLN D 18 -24.91 42.81 19.53
N SER D 19 -25.03 44.10 19.23
CA SER D 19 -26.05 44.54 18.28
C SER D 19 -25.65 44.23 16.85
N VAL D 20 -24.35 44.33 16.53
CA VAL D 20 -23.91 44.04 15.17
C VAL D 20 -23.93 42.54 14.90
N VAL D 21 -23.83 41.71 15.94
CA VAL D 21 -24.00 40.27 15.75
C VAL D 21 -25.46 39.95 15.46
N ASP D 22 -26.39 40.60 16.17
CA ASP D 22 -27.80 40.44 15.85
C ASP D 22 -28.11 40.91 14.43
N ASP D 23 -27.45 41.98 13.99
CA ASP D 23 -27.65 42.44 12.62
C ASP D 23 -27.06 41.45 11.62
N TRP D 24 -25.90 40.87 11.92
CA TRP D 24 -25.29 39.91 11.01
C TRP D 24 -26.14 38.65 10.89
N ILE D 25 -26.71 38.20 12.00
CA ILE D 25 -27.56 37.00 11.96
C ILE D 25 -28.82 37.27 11.13
N GLU D 26 -29.42 38.45 11.30
CA GLU D 26 -30.57 38.80 10.47
C GLU D 26 -30.18 38.86 9.00
N SER D 27 -28.99 39.38 8.70
CA SER D 27 -28.51 39.37 7.33
C SER D 27 -28.28 37.95 6.83
N TYR D 28 -27.82 37.06 7.71
CA TYR D 28 -27.60 35.67 7.32
C TYR D 28 -28.91 34.96 7.00
N LYS D 29 -29.97 35.29 7.74
CA LYS D 29 -31.28 34.69 7.48
C LYS D 29 -31.88 35.15 6.17
N GLN D 30 -31.41 36.27 5.61
CA GLN D 30 -31.89 36.79 4.35
C GLN D 30 -31.03 36.38 3.17
N ASP D 31 -29.71 36.34 3.35
CA ASP D 31 -28.79 35.96 2.27
C ASP D 31 -27.52 35.46 2.92
N ARG D 32 -27.30 34.14 2.90
CA ARG D 32 -26.15 33.57 3.58
C ARG D 32 -24.84 33.94 2.89
N ASP D 33 -24.84 34.04 1.57
CA ASP D 33 -23.62 34.37 0.85
C ASP D 33 -23.16 35.79 1.15
N ILE D 34 -24.10 36.74 1.22
CA ILE D 34 -23.74 38.11 1.53
C ILE D 34 -23.19 38.21 2.96
N ALA D 35 -23.87 37.57 3.91
CA ALA D 35 -23.43 37.63 5.30
C ALA D 35 -22.07 36.95 5.48
N LEU D 36 -21.87 35.80 4.83
CA LEU D 36 -20.58 35.13 4.93
C LEU D 36 -19.47 35.95 4.27
N LEU D 37 -19.80 36.68 3.20
CA LEU D 37 -18.81 37.57 2.60
C LEU D 37 -18.41 38.68 3.56
N ASP D 38 -19.39 39.28 4.25
CA ASP D 38 -19.07 40.30 5.24
C ASP D 38 -18.22 39.72 6.36
N LEU D 39 -18.50 38.49 6.77
CA LEU D 39 -17.72 37.87 7.83
C LEU D 39 -16.31 37.53 7.37
N ILE D 40 -16.17 37.05 6.13
CA ILE D 40 -14.85 36.78 5.58
C ILE D 40 -14.05 38.06 5.45
N ASN D 41 -14.66 39.11 4.89
CA ASN D 41 -13.98 40.39 4.77
C ASN D 41 -13.63 40.97 6.13
N PHE D 42 -14.41 40.64 7.16
CA PHE D 42 -14.06 41.05 8.52
C PHE D 42 -12.73 40.43 8.94
N PHE D 43 -12.57 39.12 8.75
CA PHE D 43 -11.31 38.47 9.08
C PHE D 43 -10.18 38.91 8.17
N ILE D 44 -10.50 39.29 6.93
CA ILE D 44 -9.48 39.81 6.02
C ILE D 44 -8.93 41.13 6.55
N GLN D 45 -9.81 42.04 6.95
CA GLN D 45 -9.35 43.31 7.51
C GLN D 45 -8.65 43.11 8.85
N CYS D 46 -9.12 42.16 9.66
CA CYS D 46 -8.46 41.86 10.93
C CYS D 46 -7.05 41.33 10.71
N SER D 47 -6.80 40.65 9.60
CA SER D 47 -5.49 40.12 9.28
C SER D 47 -4.53 41.17 8.73
N GLY D 48 -4.97 42.43 8.62
CA GLY D 48 -4.13 43.49 8.12
C GLY D 48 -4.20 43.74 6.63
N CYS D 49 -5.17 43.16 5.93
CA CYS D 49 -5.33 43.36 4.51
C CYS D 49 -6.33 44.47 4.22
N ARG D 50 -6.11 45.18 3.11
CA ARG D 50 -7.03 46.20 2.66
C ARG D 50 -7.87 45.77 1.47
N GLY D 51 -7.51 44.68 0.81
CA GLY D 51 -8.24 44.21 -0.35
C GLY D 51 -9.33 43.22 -0.01
N THR D 52 -10.55 43.72 0.16
CA THR D 52 -11.69 42.86 0.46
C THR D 52 -12.24 42.23 -0.82
N VAL D 53 -12.98 41.14 -0.64
CA VAL D 53 -13.53 40.39 -1.75
C VAL D 53 -14.89 40.97 -2.12
N ARG D 54 -15.12 41.17 -3.42
CA ARG D 54 -16.40 41.66 -3.92
C ARG D 54 -17.34 40.48 -4.19
N ILE D 55 -18.64 40.78 -4.17
CA ILE D 55 -19.64 39.72 -4.15
C ILE D 55 -19.68 38.98 -5.49
N GLU D 56 -19.59 39.69 -6.61
CA GLU D 56 -19.64 39.04 -7.91
C GLU D 56 -18.42 38.16 -8.16
N MET D 57 -17.36 38.33 -7.39
CA MET D 57 -16.23 37.41 -7.44
C MET D 57 -16.31 36.31 -6.40
N PHE D 58 -16.98 36.59 -5.27
CA PHE D 58 -17.04 35.63 -4.16
C PHE D 58 -17.92 34.44 -4.49
N ARG D 59 -18.89 34.60 -5.40
CA ARG D 59 -19.81 33.51 -5.69
C ARG D 59 -19.12 32.32 -6.36
N ASN D 60 -18.10 32.59 -7.17
CA ASN D 60 -17.32 31.55 -7.84
C ASN D 60 -15.90 31.50 -7.31
N MET D 61 -15.74 31.63 -5.99
CA MET D 61 -14.43 31.72 -5.36
C MET D 61 -14.33 30.68 -4.26
N GLN D 62 -13.29 29.86 -4.34
CA GLN D 62 -13.03 28.86 -3.31
C GLN D 62 -12.20 29.48 -2.17
N ASN D 63 -12.03 28.69 -1.11
CA ASN D 63 -11.30 29.18 0.06
C ASN D 63 -9.84 29.44 -0.28
N ALA D 64 -9.23 28.59 -1.10
CA ALA D 64 -7.82 28.76 -1.44
C ALA D 64 -7.57 30.02 -2.26
N GLU D 65 -8.51 30.37 -3.15
CA GLU D 65 -8.36 31.59 -3.94
C GLU D 65 -8.41 32.82 -3.05
N ILE D 66 -9.29 32.84 -2.05
CA ILE D 66 -9.38 33.99 -1.15
C ILE D 66 -8.06 34.18 -0.41
N ILE D 67 -7.48 33.10 0.09
CA ILE D 67 -6.22 33.20 0.83
C ILE D 67 -5.08 33.58 -0.11
N ARG D 68 -5.09 33.07 -1.34
CA ARG D 68 -4.08 33.47 -2.30
C ARG D 68 -4.20 34.95 -2.65
N LYS D 69 -5.43 35.45 -2.74
CA LYS D 69 -5.62 36.88 -2.99
C LYS D 69 -5.06 37.71 -1.85
N MET D 70 -5.32 37.30 -0.60
CA MET D 70 -4.74 37.99 0.55
C MET D 70 -3.22 37.94 0.52
N THR D 71 -2.66 36.77 0.18
CA THR D 71 -1.22 36.62 0.17
C THR D 71 -0.56 37.44 -0.95
N GLU D 72 -1.25 37.63 -2.06
CA GLU D 72 -0.72 38.39 -3.19
C GLU D 72 -0.95 39.88 -3.07
N GLU D 73 -1.57 40.35 -1.99
CA GLU D 73 -1.83 41.78 -1.85
C GLU D 73 -0.54 42.57 -1.68
N PHE D 74 0.39 42.06 -0.88
CA PHE D 74 1.67 42.70 -0.67
C PHE D 74 2.73 41.63 -0.45
N ASP D 75 3.99 42.02 -0.64
CA ASP D 75 5.11 41.09 -0.53
C ASP D 75 5.81 41.16 0.82
N GLU D 76 5.68 42.26 1.56
CA GLU D 76 6.40 42.41 2.81
C GLU D 76 5.82 41.49 3.89
N ASP D 77 6.69 40.97 4.75
CA ASP D 77 6.29 40.21 5.92
C ASP D 77 6.42 41.15 7.11
N SER D 78 5.37 41.92 7.36
CA SER D 78 5.39 42.96 8.38
C SER D 78 4.97 42.42 9.73
N GLY D 79 5.57 42.97 10.78
CA GLY D 79 5.16 42.72 12.14
C GLY D 79 4.10 43.68 12.65
N ASP D 80 3.59 44.55 11.79
CA ASP D 80 2.58 45.55 12.15
C ASP D 80 1.25 45.12 11.56
N TYR D 81 0.35 44.64 12.41
CA TYR D 81 -1.01 44.28 12.03
C TYR D 81 -1.91 44.55 13.21
N PRO D 82 -3.23 44.63 13.01
CA PRO D 82 -4.14 45.08 14.08
C PRO D 82 -3.91 44.45 15.45
N LEU D 83 -3.50 43.17 15.51
CA LEU D 83 -3.25 42.53 16.80
C LEU D 83 -1.95 43.01 17.46
N THR D 84 -1.06 43.66 16.72
CA THR D 84 0.19 44.16 17.27
C THR D 84 0.36 45.66 17.13
N MET D 85 -0.68 46.37 16.70
CA MET D 85 -0.57 47.80 16.48
C MET D 85 -0.49 48.54 17.81
N PRO D 86 0.45 49.47 17.97
CA PRO D 86 0.46 50.33 19.15
C PRO D 86 -0.39 51.57 18.94
N GLY D 87 -0.84 52.14 20.06
CA GLY D 87 -1.66 53.32 20.03
C GLY D 87 -3.01 53.11 20.70
N PRO D 88 -3.65 54.20 21.13
CA PRO D 88 -4.92 54.06 21.84
C PRO D 88 -6.05 53.52 20.98
N GLN D 89 -6.02 53.75 19.67
CA GLN D 89 -7.11 53.27 18.82
C GLN D 89 -7.05 51.75 18.62
N TRP D 90 -5.93 51.12 18.94
CA TRP D 90 -5.79 49.67 18.84
C TRP D 90 -5.61 48.99 20.19
N LYS D 91 -5.69 49.75 21.29
CA LYS D 91 -5.41 49.18 22.61
C LYS D 91 -6.39 48.08 22.96
N LYS D 92 -7.67 48.25 22.62
CA LYS D 92 -8.71 47.30 22.99
C LYS D 92 -9.10 46.38 21.84
N PHE D 93 -8.34 46.38 20.74
CA PHE D 93 -8.73 45.58 19.58
C PHE D 93 -8.68 44.09 19.90
N ARG D 94 -7.64 43.64 20.60
CA ARG D 94 -7.52 42.22 20.89
C ARG D 94 -8.68 41.72 21.73
N SER D 95 -9.04 42.47 22.78
CA SER D 95 -10.15 42.07 23.63
C SER D 95 -11.47 42.10 22.87
N ASN D 96 -11.68 43.11 22.02
CA ASN D 96 -12.92 43.18 21.25
C ASN D 96 -12.97 42.10 20.18
N PHE D 97 -11.82 41.78 19.58
CA PHE D 97 -11.78 40.73 18.57
C PHE D 97 -12.17 39.38 19.16
N CYS D 98 -11.64 39.06 20.34
CA CYS D 98 -11.99 37.80 20.99
C CYS D 98 -13.44 37.82 21.48
N GLU D 99 -13.92 38.98 21.93
CA GLU D 99 -15.28 39.08 22.44
C GLU D 99 -16.30 38.89 21.30
N PHE D 100 -16.01 39.42 20.12
CA PHE D 100 -16.93 39.29 19.00
C PHE D 100 -17.14 37.83 18.62
N ILE D 101 -16.07 37.04 18.64
CA ILE D 101 -16.18 35.63 18.27
C ILE D 101 -17.06 34.88 19.26
N GLY D 102 -16.89 35.17 20.55
CA GLY D 102 -17.70 34.50 21.56
C GLY D 102 -19.18 34.86 21.47
N VAL D 103 -19.47 36.14 21.17
CA VAL D 103 -20.86 36.56 21.02
C VAL D 103 -21.47 35.96 19.76
N LEU D 104 -20.70 35.90 18.67
CA LEU D 104 -21.22 35.38 17.41
C LEU D 104 -21.64 33.92 17.55
N ILE D 105 -20.79 33.11 18.18
CA ILE D 105 -21.11 31.68 18.31
C ILE D 105 -22.23 31.47 19.32
N ARG D 106 -22.26 32.28 20.39
CA ARG D 106 -23.31 32.12 21.40
C ARG D 106 -24.68 32.40 20.81
N GLN D 107 -24.78 33.38 19.91
CA GLN D 107 -26.06 33.72 19.31
C GLN D 107 -26.44 32.80 18.15
N CYS D 108 -25.48 32.09 17.58
CA CYS D 108 -25.73 31.16 16.48
C CYS D 108 -25.82 29.72 16.94
N GLN D 109 -25.68 29.45 18.24
CA GLN D 109 -25.48 28.09 18.73
C GLN D 109 -26.70 27.20 18.63
N TYR D 110 -27.88 27.75 18.28
CA TYR D 110 -29.11 26.99 18.32
C TYR D 110 -29.64 26.58 16.95
N SER D 111 -29.00 27.02 15.87
CA SER D 111 -29.46 26.62 14.54
C SER D 111 -28.40 26.86 13.47
N ILE D 112 -27.82 28.07 13.45
CA ILE D 112 -26.95 28.46 12.34
C ILE D 112 -25.68 27.62 12.32
N ILE D 113 -25.09 27.35 13.48
CA ILE D 113 -23.83 26.61 13.52
C ILE D 113 -23.99 25.20 12.99
N TYR D 114 -25.21 24.67 12.95
CA TYR D 114 -25.44 23.30 12.52
C TYR D 114 -25.79 23.17 11.04
N ASP D 115 -25.81 24.26 10.29
CA ASP D 115 -26.22 24.20 8.89
C ASP D 115 -25.12 23.72 7.96
N GLU D 116 -23.93 23.42 8.48
CA GLU D 116 -22.81 22.88 7.69
C GLU D 116 -22.38 23.82 6.58
N TYR D 117 -22.59 25.13 6.77
CA TYR D 117 -22.21 26.12 5.77
C TYR D 117 -21.44 27.25 6.44
N MET D 118 -22.02 27.85 7.47
CA MET D 118 -21.38 28.97 8.14
C MET D 118 -20.10 28.53 8.85
N MET D 119 -20.19 27.50 9.69
CA MET D 119 -19.03 27.05 10.45
C MET D 119 -17.96 26.44 9.54
N ASP D 120 -18.39 25.72 8.50
CA ASP D 120 -17.42 25.13 7.58
C ASP D 120 -16.65 26.22 6.82
N THR D 121 -17.33 27.32 6.48
CA THR D 121 -16.64 28.42 5.81
C THR D 121 -15.66 29.11 6.75
N VAL D 122 -16.05 29.30 8.01
CA VAL D 122 -15.18 29.98 8.97
C VAL D 122 -13.96 29.12 9.30
N ILE D 123 -14.18 27.84 9.59
CA ILE D 123 -13.08 26.96 9.99
C ILE D 123 -12.12 26.76 8.83
N SER D 124 -12.64 26.63 7.61
CA SER D 124 -11.78 26.46 6.45
C SER D 124 -10.88 27.68 6.24
N LEU D 125 -11.44 28.87 6.40
CA LEU D 125 -10.66 30.10 6.23
C LEU D 125 -9.58 30.20 7.29
N LEU D 126 -9.93 30.00 8.56
CA LEU D 126 -8.94 30.10 9.62
C LEU D 126 -7.88 29.02 9.52
N THR D 127 -8.25 27.83 9.05
CA THR D 127 -7.28 26.75 8.90
C THR D 127 -6.25 27.08 7.84
N GLY D 128 -6.70 27.54 6.67
CA GLY D 128 -5.77 27.89 5.61
C GLY D 128 -4.90 29.08 5.97
N LEU D 129 -5.48 30.07 6.67
CA LEU D 129 -4.70 31.21 7.11
C LEU D 129 -3.69 30.83 8.19
N SER D 130 -3.99 29.80 8.99
CA SER D 130 -3.07 29.38 10.04
C SER D 130 -1.84 28.69 9.48
N ASP D 131 -1.90 28.20 8.24
CA ASP D 131 -0.76 27.59 7.58
C ASP D 131 0.00 28.55 6.68
N SER D 132 -0.41 29.82 6.65
CA SER D 132 0.22 30.80 5.77
C SER D 132 1.64 31.13 6.23
N GLN D 133 2.44 31.62 5.30
CA GLN D 133 3.77 32.12 5.63
C GLN D 133 3.74 33.55 6.14
N VAL D 134 2.61 34.25 6.00
CA VAL D 134 2.47 35.61 6.50
C VAL D 134 2.22 35.55 8.00
N ARG D 135 3.04 36.26 8.77
CA ARG D 135 2.91 36.23 10.22
C ARG D 135 1.58 36.81 10.68
N ALA D 136 1.10 37.86 10.01
CA ALA D 136 -0.17 38.46 10.38
C ALA D 136 -1.32 37.47 10.21
N PHE D 137 -1.26 36.62 9.19
CA PHE D 137 -2.36 35.69 8.94
C PHE D 137 -2.41 34.59 9.98
N ARG D 138 -1.24 34.05 10.36
CA ARG D 138 -1.21 32.98 11.37
C ARG D 138 -1.63 33.51 12.73
N HIS D 139 -1.12 34.67 13.13
CA HIS D 139 -1.44 35.22 14.44
C HIS D 139 -2.94 35.51 14.55
N THR D 140 -3.51 36.15 13.53
CA THR D 140 -4.92 36.51 13.59
C THR D 140 -5.82 35.29 13.54
N SER D 141 -5.52 34.33 12.66
CA SER D 141 -6.39 33.17 12.50
C SER D 141 -6.27 32.21 13.68
N THR D 142 -5.07 32.04 14.22
CA THR D 142 -4.90 31.14 15.36
C THR D 142 -5.63 31.67 16.59
N LEU D 143 -5.48 32.96 16.88
CA LEU D 143 -6.22 33.57 17.99
C LEU D 143 -7.72 33.43 17.78
N ALA D 144 -8.18 33.63 16.53
CA ALA D 144 -9.60 33.46 16.24
C ALA D 144 -10.05 32.02 16.43
N ALA D 145 -9.22 31.06 16.00
CA ALA D 145 -9.58 29.65 16.12
C ALA D 145 -9.60 29.20 17.57
N MET D 146 -8.67 29.70 18.38
CA MET D 146 -8.64 29.33 19.80
C MET D 146 -9.89 29.82 20.51
N LYS D 147 -10.28 31.07 20.27
CA LYS D 147 -11.50 31.60 20.88
C LYS D 147 -12.74 30.94 20.30
N LEU D 148 -12.68 30.56 19.01
CA LEU D 148 -13.78 29.80 18.42
C LEU D 148 -13.94 28.45 19.09
N MET D 149 -12.82 27.78 19.38
CA MET D 149 -12.87 26.50 20.08
C MET D 149 -13.48 26.64 21.47
N THR D 150 -13.06 27.67 22.21
CA THR D 150 -13.61 27.90 23.54
C THR D 150 -15.12 28.14 23.49
N ALA D 151 -15.58 28.88 22.47
CA ALA D 151 -17.02 29.07 22.29
C ALA D 151 -17.72 27.76 21.98
N LEU D 152 -17.08 26.89 21.20
CA LEU D 152 -17.67 25.59 20.90
C LEU D 152 -17.69 24.70 22.13
N VAL D 153 -16.71 24.84 23.03
CA VAL D 153 -16.74 24.08 24.28
C VAL D 153 -17.92 24.52 25.13
N ASN D 154 -18.21 25.82 25.15
CA ASN D 154 -19.40 26.31 25.86
C ASN D 154 -20.67 25.76 25.24
N VAL D 155 -20.70 25.59 23.92
CA VAL D 155 -21.86 24.97 23.28
C VAL D 155 -21.99 23.51 23.72
N ALA D 156 -20.86 22.79 23.77
CA ALA D 156 -20.90 21.40 24.21
C ALA D 156 -21.30 21.28 25.67
N LEU D 157 -20.92 22.25 26.50
CA LEU D 157 -21.33 22.22 27.90
C LEU D 157 -22.82 22.49 28.04
N ASN D 158 -23.36 23.41 27.24
CA ASN D 158 -24.81 23.64 27.25
C ASN D 158 -25.56 22.44 26.71
N LEU D 159 -24.99 21.73 25.73
CA LEU D 159 -25.62 20.51 25.25
C LEU D 159 -25.58 19.41 26.31
N SER D 160 -24.49 19.34 27.08
CA SER D 160 -24.43 18.36 28.16
C SER D 160 -25.45 18.68 29.25
N ILE D 161 -25.67 19.96 29.53
CA ILE D 161 -26.70 20.35 30.49
C ILE D 161 -28.06 19.89 30.01
N HIS D 162 -28.37 20.10 28.73
CA HIS D 162 -29.63 19.64 28.17
C HIS D 162 -29.70 18.11 28.11
N GLN D 163 -28.55 17.45 28.01
CA GLN D 163 -28.55 15.99 27.97
C GLN D 163 -28.71 15.39 29.36
N ASP D 164 -28.09 16.00 30.38
CA ASP D 164 -28.30 15.53 31.75
C ASP D 164 -29.68 15.87 32.27
N ASN D 165 -30.25 16.99 31.80
CA ASN D 165 -31.62 17.33 32.16
C ASN D 165 -32.63 16.44 31.44
N THR D 166 -32.28 15.98 30.23
CA THR D 166 -33.14 15.02 29.54
C THR D 166 -33.13 13.67 30.25
N GLN D 167 -32.01 13.30 30.87
CA GLN D 167 -31.92 12.01 31.53
C GLN D 167 -32.74 11.99 32.81
N ARG D 168 -32.73 13.08 33.57
CA ARG D 168 -33.51 13.13 34.81
C ARG D 168 -35.01 13.04 34.51
N GLN D 169 -35.48 13.76 33.50
CA GLN D 169 -36.88 13.67 33.11
C GLN D 169 -37.24 12.30 32.57
N TYR D 170 -36.27 11.56 32.05
CA TYR D 170 -36.50 10.21 31.55
C TYR D 170 -36.59 9.21 32.70
N GLU D 184 -45.56 6.31 25.67
CA GLU D 184 -46.53 7.31 25.23
C GLU D 184 -45.85 8.67 25.07
N ARG D 185 -45.12 9.07 26.10
CA ARG D 185 -44.36 10.32 26.07
C ARG D 185 -42.86 10.13 26.21
N LEU D 186 -42.40 8.98 26.70
CA LEU D 186 -40.96 8.75 26.81
C LEU D 186 -40.30 8.61 25.43
N GLU D 187 -41.09 8.44 24.37
CA GLU D 187 -40.54 8.46 23.02
C GLU D 187 -39.88 9.80 22.72
N LEU D 188 -40.50 10.89 23.19
CA LEU D 188 -39.95 12.23 22.95
C LEU D 188 -38.67 12.45 23.74
N LEU D 189 -38.63 11.97 24.99
CA LEU D 189 -37.43 12.12 25.80
C LEU D 189 -36.25 11.36 25.19
N LEU D 190 -36.50 10.15 24.69
CA LEU D 190 -35.44 9.42 24.01
C LEU D 190 -35.12 10.03 22.65
N GLN D 191 -36.05 10.77 22.05
CA GLN D 191 -35.81 11.39 20.76
C GLN D 191 -35.01 12.69 20.90
N LYS D 192 -35.34 13.51 21.91
CA LYS D 192 -34.52 14.67 22.19
C LYS D 192 -33.10 14.26 22.57
N ARG D 193 -32.96 13.11 23.24
CA ARG D 193 -31.65 12.55 23.50
C ARG D 193 -30.92 12.21 22.21
N LYS D 194 -31.66 11.80 21.18
CA LYS D 194 -31.03 11.54 19.88
C LYS D 194 -30.62 12.82 19.20
N GLU D 195 -31.49 13.84 19.22
CA GLU D 195 -31.18 15.10 18.55
C GLU D 195 -30.04 15.83 19.23
N LEU D 196 -30.01 15.81 20.57
CA LEU D 196 -28.90 16.42 21.28
C LEU D 196 -27.60 15.66 21.02
N GLN D 197 -27.68 14.34 20.89
CA GLN D 197 -26.50 13.56 20.55
C GLN D 197 -25.99 13.90 19.15
N GLU D 198 -26.91 14.13 18.21
CA GLU D 198 -26.50 14.59 16.89
C GLU D 198 -25.80 15.94 16.97
N ASN D 199 -26.32 16.86 17.78
CA ASN D 199 -25.67 18.15 17.96
C ASN D 199 -24.31 17.99 18.62
N GLN D 200 -24.23 17.13 19.63
CA GLN D 200 -22.95 16.88 20.29
C GLN D 200 -21.92 16.31 19.32
N ASP D 201 -22.33 15.36 18.48
CA ASP D 201 -21.41 14.81 17.48
C ASP D 201 -20.96 15.89 16.50
N GLU D 202 -21.88 16.78 16.10
CA GLU D 202 -21.52 17.85 15.18
C GLU D 202 -20.55 18.83 15.83
N ILE D 203 -20.80 19.23 17.07
CA ILE D 203 -19.88 20.12 17.77
C ILE D 203 -18.53 19.45 17.96
N GLU D 204 -18.54 18.14 18.24
CA GLU D 204 -17.28 17.41 18.43
C GLU D 204 -16.46 17.39 17.15
N ASN D 205 -17.13 17.25 16.00
CA ASN D 205 -16.41 17.25 14.72
C ASN D 205 -15.81 18.62 14.44
N MET D 206 -16.52 19.69 14.79
CA MET D 206 -15.96 21.04 14.60
C MET D 206 -14.76 21.27 15.51
N MET D 207 -14.86 20.85 16.77
CA MET D 207 -13.72 21.00 17.68
C MET D 207 -12.54 20.16 17.23
N ASN D 208 -12.81 18.98 16.67
CA ASN D 208 -11.72 18.13 16.19
C ASN D 208 -11.03 18.74 14.99
N SER D 209 -11.79 19.35 14.08
CA SER D 209 -11.17 19.97 12.90
C SER D 209 -10.31 21.17 13.30
N ILE D 210 -10.71 21.89 14.35
CA ILE D 210 -9.90 23.02 14.83
C ILE D 210 -8.63 22.52 15.52
N PHE D 211 -8.77 21.50 16.36
CA PHE D 211 -7.62 20.99 17.09
C PHE D 211 -6.62 20.31 16.14
N LYS D 212 -7.10 19.38 15.32
CA LYS D 212 -6.21 18.64 14.44
C LYS D 212 -5.73 19.48 13.26
N GLY D 213 -6.47 20.52 12.88
CA GLY D 213 -6.12 21.30 11.72
C GLY D 213 -5.35 22.57 12.01
N ILE D 214 -5.39 23.03 13.27
CA ILE D 214 -4.78 24.32 13.60
C ILE D 214 -3.91 24.20 14.84
N PHE D 215 -4.48 23.73 15.95
CA PHE D 215 -3.75 23.76 17.23
C PHE D 215 -2.46 22.97 17.15
N VAL D 216 -2.53 21.72 16.68
CA VAL D 216 -1.34 20.86 16.69
C VAL D 216 -0.25 21.38 15.79
N HIS D 217 -0.58 22.28 14.86
CA HIS D 217 0.42 22.88 13.98
C HIS D 217 0.92 24.23 14.48
N ARG D 218 0.18 24.89 15.38
CA ARG D 218 0.52 26.24 15.81
C ARG D 218 1.03 26.34 17.23
N TYR D 219 0.86 25.30 18.05
CA TYR D 219 1.37 25.38 19.42
C TYR D 219 2.89 25.36 19.46
N ARG D 220 3.55 24.97 18.36
CA ARG D 220 4.98 25.08 18.21
C ARG D 220 5.35 26.07 17.10
N ASP D 221 4.55 27.12 16.94
CA ASP D 221 4.80 28.11 15.90
C ASP D 221 6.10 28.87 16.21
N ALA D 222 6.71 29.42 15.15
CA ALA D 222 7.95 30.17 15.33
C ALA D 222 7.72 31.44 16.12
N ILE D 223 6.50 31.98 16.09
CA ILE D 223 6.16 33.19 16.84
C ILE D 223 5.78 32.79 18.26
N ALA D 224 6.42 33.45 19.24
CA ALA D 224 6.23 33.07 20.63
C ALA D 224 4.81 33.37 21.11
N GLU D 225 4.23 34.49 20.67
CA GLU D 225 2.90 34.83 21.12
C GLU D 225 1.85 33.83 20.61
N ILE D 226 2.07 33.27 19.43
CA ILE D 226 1.16 32.25 18.92
C ILE D 226 1.22 31.00 19.80
N ARG D 227 2.43 30.63 20.25
CA ARG D 227 2.54 29.50 21.17
C ARG D 227 1.85 29.80 22.49
N ALA D 228 2.01 31.02 23.00
CA ALA D 228 1.35 31.40 24.25
C ALA D 228 -0.16 31.44 24.10
N ILE D 229 -0.65 31.79 22.91
CA ILE D 229 -2.10 31.80 22.67
C ILE D 229 -2.64 30.37 22.71
N CYS D 230 -1.94 29.43 22.07
CA CYS D 230 -2.40 28.04 22.07
C CYS D 230 -2.29 27.42 23.45
N ILE D 231 -1.20 27.70 24.17
CA ILE D 231 -1.01 27.11 25.49
C ILE D 231 -2.06 27.60 26.48
N GLU D 232 -2.36 28.90 26.45
CA GLU D 232 -3.34 29.44 27.38
C GLU D 232 -4.72 28.87 27.12
N GLU D 233 -5.10 28.73 25.85
CA GLU D 233 -6.46 28.31 25.53
C GLU D 233 -6.67 26.83 25.82
N ILE D 234 -5.66 25.99 25.59
CA ILE D 234 -5.84 24.58 25.90
C ILE D 234 -5.94 24.37 27.41
N GLY D 235 -5.28 25.22 28.20
CA GLY D 235 -5.49 25.19 29.63
C GLY D 235 -6.89 25.60 30.03
N VAL D 236 -7.51 26.48 29.24
CA VAL D 236 -8.90 26.85 29.49
C VAL D 236 -9.82 25.68 29.20
N TRP D 237 -9.56 24.94 28.11
CA TRP D 237 -10.43 23.83 27.73
C TRP D 237 -10.39 22.73 28.79
N MET D 238 -9.20 22.39 29.28
CA MET D 238 -9.10 21.35 30.31
C MET D 238 -9.76 21.77 31.61
N LYS D 239 -9.79 23.08 31.89
CA LYS D 239 -10.40 23.57 33.12
C LYS D 239 -11.92 23.60 33.03
N MET D 240 -12.45 24.08 31.90
CA MET D 240 -13.90 24.24 31.77
C MET D 240 -14.60 22.94 31.40
N TYR D 241 -13.89 22.01 30.77
CA TYR D 241 -14.48 20.75 30.31
C TYR D 241 -13.47 19.63 30.59
N SER D 242 -13.32 19.29 31.88
CA SER D 242 -12.32 18.30 32.28
C SER D 242 -12.70 16.90 31.82
N ASP D 243 -13.99 16.60 31.68
CA ASP D 243 -14.41 15.26 31.30
C ASP D 243 -13.95 14.91 29.90
N ALA D 244 -13.77 15.89 29.03
CA ALA D 244 -13.42 15.65 27.64
C ALA D 244 -12.00 16.08 27.28
N PHE D 245 -11.43 17.06 28.00
CA PHE D 245 -10.15 17.62 27.63
C PHE D 245 -9.02 17.33 28.61
N LEU D 246 -9.33 16.90 29.84
CA LEU D 246 -8.29 16.65 30.84
C LEU D 246 -7.89 15.18 30.76
N ASN D 247 -6.89 14.91 29.93
CA ASN D 247 -6.31 13.57 29.81
C ASN D 247 -4.86 13.73 29.34
N ASP D 248 -4.15 12.60 29.28
CA ASP D 248 -2.73 12.64 28.95
C ASP D 248 -2.48 13.05 27.50
N SER D 249 -3.45 12.80 26.61
CA SER D 249 -3.27 13.18 25.21
C SER D 249 -3.22 14.69 25.04
N TYR D 250 -4.08 15.41 25.77
CA TYR D 250 -4.06 16.87 25.71
C TYR D 250 -2.98 17.46 26.59
N LEU D 251 -2.66 16.82 27.72
CA LEU D 251 -1.73 17.39 28.68
C LEU D 251 -0.31 17.47 28.13
N LYS D 252 0.08 16.56 27.24
CA LYS D 252 1.46 16.55 26.76
C LYS D 252 1.81 17.78 25.96
N TYR D 253 0.81 18.47 25.38
CA TYR D 253 1.10 19.73 24.69
C TYR D 253 1.57 20.80 25.66
N VAL D 254 1.05 20.79 26.88
CA VAL D 254 1.51 21.74 27.90
C VAL D 254 2.83 21.27 28.50
N GLY D 255 2.97 19.96 28.74
CA GLY D 255 4.17 19.45 29.36
C GLY D 255 5.41 19.62 28.49
N TRP D 256 5.29 19.34 27.19
CA TRP D 256 6.43 19.50 26.30
C TRP D 256 6.72 20.95 25.99
N THR D 257 5.78 21.85 26.24
CA THR D 257 6.01 23.28 26.09
C THR D 257 6.65 23.91 27.32
N LEU D 258 6.77 23.17 28.42
CA LEU D 258 7.50 23.67 29.57
C LEU D 258 8.95 23.96 29.23
N HIS D 259 9.49 23.28 28.22
CA HIS D 259 10.87 23.45 27.77
C HIS D 259 11.04 24.61 26.79
N ASP D 260 10.04 25.48 26.66
CA ASP D 260 10.12 26.55 25.68
C ASP D 260 11.21 27.54 26.04
N ARG D 261 11.85 28.11 25.02
CA ARG D 261 12.94 29.04 25.24
C ARG D 261 12.48 30.45 25.60
N GLN D 262 11.18 30.70 25.59
CA GLN D 262 10.63 32.02 25.91
C GLN D 262 9.94 31.97 27.26
N GLY D 263 10.27 32.92 28.12
CA GLY D 263 9.72 32.93 29.47
C GLY D 263 8.21 33.15 29.50
N GLU D 264 7.68 33.95 28.57
CA GLU D 264 6.25 34.16 28.50
C GLU D 264 5.50 32.88 28.13
N VAL D 265 6.13 32.02 27.32
CA VAL D 265 5.48 30.76 26.97
C VAL D 265 5.53 29.79 28.14
N ARG D 266 6.68 29.70 28.82
CA ARG D 266 6.76 28.87 30.03
C ARG D 266 5.81 29.37 31.11
N LEU D 267 5.63 30.69 31.21
CA LEU D 267 4.71 31.24 32.19
C LEU D 267 3.28 30.78 31.92
N LYS D 268 2.87 30.77 30.65
CA LYS D 268 1.52 30.34 30.30
C LYS D 268 1.31 28.87 30.63
N CYS D 269 2.35 28.04 30.45
CA CYS D 269 2.25 26.64 30.81
C CYS D 269 2.00 26.45 32.30
N LEU D 270 2.75 27.18 33.14
CA LEU D 270 2.58 27.06 34.58
C LEU D 270 1.20 27.52 35.02
N LYS D 271 0.74 28.66 34.50
CA LYS D 271 -0.58 29.16 34.88
C LYS D 271 -1.68 28.21 34.44
N ALA D 272 -1.51 27.57 33.28
CA ALA D 272 -2.49 26.58 32.83
C ALA D 272 -2.51 25.37 33.75
N LEU D 273 -1.34 24.93 34.21
CA LEU D 273 -1.29 23.80 35.13
C LEU D 273 -1.79 24.17 36.52
N GLN D 274 -1.55 25.41 36.95
CA GLN D 274 -1.97 25.83 38.28
C GLN D 274 -3.48 25.75 38.44
N SER D 275 -4.22 26.20 37.42
CA SER D 275 -5.68 26.18 37.50
C SER D 275 -6.24 24.77 37.59
N LEU D 276 -5.47 23.76 37.16
CA LEU D 276 -5.91 22.38 37.26
C LEU D 276 -5.58 21.78 38.62
N TYR D 277 -4.36 22.03 39.13
CA TYR D 277 -3.94 21.42 40.38
C TYR D 277 -4.61 22.03 41.60
N THR D 278 -5.27 23.19 41.46
CA THR D 278 -6.01 23.76 42.59
C THR D 278 -7.23 22.91 42.93
N ASN D 279 -7.77 22.19 41.94
CA ASN D 279 -8.91 21.31 42.16
C ASN D 279 -8.37 19.94 42.55
N ARG D 280 -8.55 19.57 43.82
CA ARG D 280 -8.04 18.29 44.30
C ARG D 280 -8.77 17.10 43.68
N GLU D 281 -9.98 17.31 43.15
CA GLU D 281 -10.71 16.23 42.52
C GLU D 281 -10.05 15.78 41.21
N LEU D 282 -9.30 16.67 40.56
CA LEU D 282 -8.64 16.36 39.31
C LEU D 282 -7.27 15.72 39.49
N PHE D 283 -6.83 15.52 40.72
CA PHE D 283 -5.51 14.95 40.96
C PHE D 283 -5.33 13.54 40.40
N PRO D 284 -6.31 12.63 40.47
CA PRO D 284 -6.11 11.32 39.81
C PRO D 284 -5.82 11.44 38.32
N LYS D 285 -6.43 12.40 37.64
CA LYS D 285 -6.17 12.59 36.21
C LYS D 285 -4.77 13.13 35.95
N LEU D 286 -4.14 13.76 36.93
CA LEU D 286 -2.85 14.41 36.75
C LEU D 286 -1.69 13.64 37.36
N GLU D 287 -1.94 12.45 37.92
CA GLU D 287 -0.87 11.72 38.60
C GLU D 287 0.22 11.28 37.62
N LEU D 288 -0.17 10.65 36.51
CA LEU D 288 0.82 10.21 35.53
C LEU D 288 1.53 11.40 34.88
N PHE D 289 0.79 12.47 34.60
CA PHE D 289 1.41 13.67 34.04
C PHE D 289 2.43 14.26 35.01
N THR D 290 2.12 14.26 36.31
CA THR D 290 3.05 14.79 37.29
C THR D 290 4.35 14.01 37.30
N ASN D 291 4.25 12.68 37.31
CA ASN D 291 5.46 11.85 37.35
C ASN D 291 6.26 11.94 36.06
N ARG D 292 5.58 12.10 34.92
CA ARG D 292 6.30 12.17 33.64
C ARG D 292 7.07 13.47 33.50
N PHE D 293 6.50 14.58 33.96
CA PHE D 293 7.10 15.90 33.83
C PHE D 293 7.55 16.48 35.17
N LYS D 294 7.82 15.61 36.15
CA LYS D 294 8.28 16.09 37.45
C LYS D 294 9.61 16.81 37.35
N ASP D 295 10.58 16.19 36.66
CA ASP D 295 11.92 16.76 36.57
C ASP D 295 11.90 18.15 35.96
N ARG D 296 11.07 18.35 34.93
CA ARG D 296 11.03 19.66 34.29
C ARG D 296 10.31 20.70 35.16
N ILE D 297 9.25 20.29 35.86
CA ILE D 297 8.49 21.23 36.66
C ILE D 297 9.33 21.74 37.83
N VAL D 298 9.95 20.84 38.58
CA VAL D 298 10.74 21.26 39.73
C VAL D 298 11.97 22.04 39.31
N SER D 299 12.52 21.74 38.13
CA SER D 299 13.68 22.48 37.65
C SER D 299 13.35 23.93 37.35
N MET D 300 12.08 24.25 37.09
CA MET D 300 11.68 25.61 36.78
C MET D 300 11.49 26.47 38.03
N THR D 301 11.55 25.88 39.22
CA THR D 301 11.50 26.68 40.44
C THR D 301 12.71 27.59 40.59
N LEU D 302 13.80 27.29 39.89
CA LEU D 302 14.98 28.14 39.81
C LEU D 302 15.21 28.59 38.36
N ASP D 303 14.13 28.93 37.68
CA ASP D 303 14.21 29.35 36.29
C ASP D 303 14.99 30.65 36.18
N LYS D 304 15.60 30.86 35.00
CA LYS D 304 16.35 32.09 34.78
C LYS D 304 15.47 33.33 34.88
N GLU D 305 14.18 33.19 34.56
CA GLU D 305 13.24 34.29 34.69
C GLU D 305 12.58 34.23 36.07
N TYR D 306 12.57 35.37 36.77
CA TYR D 306 12.04 35.39 38.13
C TYR D 306 10.55 35.11 38.16
N ASP D 307 9.79 35.66 37.21
CA ASP D 307 8.34 35.44 37.20
C ASP D 307 8.01 33.98 36.89
N VAL D 308 8.82 33.32 36.07
CA VAL D 308 8.59 31.91 35.79
C VAL D 308 8.89 31.06 37.02
N ALA D 309 9.98 31.39 37.73
CA ALA D 309 10.36 30.62 38.91
C ALA D 309 9.33 30.77 40.02
N VAL D 310 8.78 31.98 40.19
CA VAL D 310 7.78 32.20 41.23
C VAL D 310 6.53 31.37 40.96
N GLU D 311 6.08 31.32 39.71
CA GLU D 311 4.90 30.53 39.38
C GLU D 311 5.19 29.04 39.44
N ALA D 312 6.42 28.63 39.12
CA ALA D 312 6.79 27.23 39.24
C ALA D 312 6.84 26.80 40.71
N ILE D 313 7.24 27.71 41.60
CA ILE D 313 7.21 27.39 43.03
C ILE D 313 5.76 27.23 43.51
N ARG D 314 4.88 28.13 43.10
CA ARG D 314 3.48 28.02 43.48
C ARG D 314 2.86 26.75 42.93
N LEU D 315 3.25 26.34 41.72
CA LEU D 315 2.74 25.10 41.16
C LEU D 315 3.18 23.90 41.99
N VAL D 316 4.45 23.86 42.40
CA VAL D 316 4.96 22.75 43.18
C VAL D 316 4.25 22.67 44.53
N THR D 317 4.01 23.83 45.16
CA THR D 317 3.27 23.83 46.42
C THR D 317 1.85 23.31 46.25
N LEU D 318 1.25 23.55 45.08
CA LEU D 318 -0.08 23.00 44.82
C LEU D 318 -0.03 21.49 44.62
N ILE D 319 1.00 21.00 43.93
CA ILE D 319 1.15 19.57 43.73
C ILE D 319 1.41 18.87 45.06
N LEU D 320 2.18 19.51 45.94
CA LEU D 320 2.45 18.91 47.25
C LEU D 320 1.20 18.82 48.10
N HIS D 321 0.39 19.88 48.12
CA HIS D 321 -0.82 19.91 48.92
C HIS D 321 -1.97 19.19 48.22
NA NA E . 1.76 38.58 1.22
#